data_6KTR
#
_entry.id   6KTR
#
_cell.length_a   84.968
_cell.length_b   104.125
_cell.length_c   165.365
_cell.angle_alpha   90.000
_cell.angle_beta   90.000
_cell.angle_gamma   90.000
#
_symmetry.space_group_name_H-M   'P 21 21 21'
#
loop_
_entity.id
_entity.type
_entity.pdbx_description
1 polymer G1A8-Fab-HC
2 polymer G1A8-Fab-LC
3 polymer 'Fibroblast growth factor 19'
4 non-polymer 'SULFATE ION'
5 non-polymer 'SODIUM ION'
6 water water
#
loop_
_entity_poly.entity_id
_entity_poly.type
_entity_poly.pdbx_seq_one_letter_code
_entity_poly.pdbx_strand_id
1 'polypeptide(L)'
;EVQLLETGGGLVQPGGSLRLSCAASGFTFSSYAMSWVRQAPGKGLEWVSAISGSGGSTYYADSVKGRFTISRDNSKNTLY
LQMNSLRAEDTAVYYCAKDNWQELLFDYWGQGTLVTVSSASTKGPSVFPLAPSSKSTSGGTAALGCLVKDYFPEPVTVSW
NSGALTSGVHTFPAVLQSSGLYSLSSVVTVPSSSLGTQTYICNVNHKPSNTKVDKKAEPKSCDKTHTHHHHHH
;
A,F
2 'polypeptide(L)'
;QAGLTQPASVSGSPGQSITISCTGTSSDVGGYNYVSWYQQHPGKAPKLMIYDVSNRPSGVSDRFSGSKSGNTASLTISGL
QTEDEADYYCSSWTRSSGLVFGGGTQLTVLGQPKAAPSVTLFPPSSEELQANKATLVCLISDFYPGAVTVAWKADGSPVK
AGVETTTPSKQSNNKYAASSYLSLTPEQWKSHRSYSCQVTHEGSTVEKTVAPTECS
;
B,G
3 'polypeptide(L)'
;RPLAFSDAGPHVHYGWGDPIRLRHLYTSGPHGLSSCFLRIRADGVVDCARGQSAHSLLEIKAVALRTVAIKGVHSVRYLC
MGADGKMQGLLQYSEEDCAFEEEIRPDGYNVYRSEKHRLPVSLSSAKQRQLYKNRGFLPLSHFLPMLPMVPEEPEDLRGH
LESDMFSSPLETDSMDPFGLVTGLEAVRSPSFEKSGGGHHHHHHLNDIFEAQKIEWHE
;
C,D
#
loop_
_chem_comp.id
_chem_comp.type
_chem_comp.name
_chem_comp.formula
NA non-polymer 'SODIUM ION' 'Na 1'
SO4 non-polymer 'SULFATE ION' 'O4 S -2'
#
# COMPACT_ATOMS: atom_id res chain seq x y z
N GLU A 1 8.31 21.18 -29.81
CA GLU A 1 7.87 22.45 -29.22
C GLU A 1 9.05 23.38 -28.95
N VAL A 2 9.42 23.49 -27.68
CA VAL A 2 10.64 24.16 -27.24
C VAL A 2 11.75 23.11 -27.22
N GLN A 3 12.92 23.46 -27.74
CA GLN A 3 14.02 22.52 -27.79
C GLN A 3 15.33 23.19 -27.41
N LEU A 4 16.14 22.48 -26.63
CA LEU A 4 17.48 22.92 -26.24
C LEU A 4 18.44 21.80 -26.59
N LEU A 5 19.37 22.08 -27.50
CA LEU A 5 20.29 21.08 -28.02
C LEU A 5 21.71 21.44 -27.59
N GLU A 6 22.24 20.71 -26.61
CA GLU A 6 23.58 20.94 -26.12
C GLU A 6 24.60 20.19 -26.97
N THR A 7 25.74 20.83 -27.21
CA THR A 7 26.80 20.26 -28.03
C THR A 7 28.14 20.62 -27.45
N GLY A 8 29.15 19.83 -27.81
CA GLY A 8 30.51 20.07 -27.38
C GLY A 8 31.02 19.14 -26.30
N GLY A 9 30.24 18.17 -25.86
CA GLY A 9 30.68 17.28 -24.80
C GLY A 9 31.63 16.20 -25.30
N GLY A 10 32.54 15.80 -24.40
CA GLY A 10 33.49 14.77 -24.75
C GLY A 10 34.56 14.66 -23.67
N LEU A 11 35.66 14.02 -24.03
CA LEU A 11 36.77 13.78 -23.11
C LEU A 11 37.79 14.90 -23.21
N VAL A 12 38.24 15.39 -22.05
CA VAL A 12 39.25 16.44 -21.95
C VAL A 12 40.12 16.09 -20.74
N GLN A 13 41.40 16.46 -20.81
CA GLN A 13 42.30 16.14 -19.70
C GLN A 13 42.29 17.26 -18.66
N PRO A 14 42.62 16.94 -17.42
CA PRO A 14 42.70 17.98 -16.38
C PRO A 14 43.59 19.15 -16.78
N GLY A 15 43.07 20.36 -16.57
CA GLY A 15 43.73 21.56 -17.02
C GLY A 15 43.31 22.04 -18.41
N GLY A 16 42.64 21.19 -19.17
CA GLY A 16 42.23 21.54 -20.52
C GLY A 16 41.11 22.57 -20.53
N SER A 17 40.51 22.71 -21.72
CA SER A 17 39.47 23.70 -21.93
C SER A 17 38.46 23.17 -22.93
N LEU A 18 37.22 23.63 -22.79
CA LEU A 18 36.14 23.20 -23.66
C LEU A 18 34.98 24.17 -23.53
N ARG A 19 34.29 24.41 -24.65
CA ARG A 19 33.16 25.33 -24.70
C ARG A 19 31.91 24.58 -25.14
N LEU A 20 30.86 24.68 -24.36
CA LEU A 20 29.58 24.04 -24.66
C LEU A 20 28.62 25.05 -25.27
N SER A 21 27.79 24.57 -26.18
CA SER A 21 26.79 25.39 -26.85
C SER A 21 25.41 24.75 -26.69
N CYS A 22 24.39 25.60 -26.66
CA CYS A 22 23.01 25.15 -26.51
C CYS A 22 22.16 25.80 -27.59
N ALA A 23 21.58 24.99 -28.46
CA ALA A 23 20.77 25.48 -29.57
C ALA A 23 19.33 25.66 -29.09
N ALA A 24 18.92 26.90 -28.88
CA ALA A 24 17.59 27.22 -28.40
C ALA A 24 16.65 27.45 -29.58
N SER A 25 15.47 26.83 -29.53
CA SER A 25 14.47 26.97 -30.58
C SER A 25 13.09 26.86 -29.97
N GLY A 26 12.16 27.68 -30.48
CA GLY A 26 10.77 27.59 -30.08
C GLY A 26 10.29 28.65 -29.12
N PHE A 27 11.10 29.67 -28.82
CA PHE A 27 10.69 30.74 -27.92
C PHE A 27 11.58 31.95 -28.16
N THR A 28 11.14 33.11 -27.65
CA THR A 28 11.89 34.35 -27.79
C THR A 28 13.06 34.28 -26.82
N PHE A 29 14.19 33.77 -27.32
CA PHE A 29 15.35 33.46 -26.50
C PHE A 29 15.85 34.69 -25.74
N SER A 30 15.77 35.87 -26.36
CA SER A 30 16.33 37.07 -25.77
C SER A 30 15.57 37.55 -24.53
N SER A 31 14.34 37.08 -24.34
CA SER A 31 13.49 37.58 -23.27
C SER A 31 13.66 36.83 -21.95
N TYR A 32 14.29 35.66 -21.94
CA TYR A 32 14.39 34.84 -20.75
C TYR A 32 15.83 34.62 -20.35
N ALA A 33 16.07 34.59 -19.05
CA ALA A 33 17.36 34.16 -18.53
C ALA A 33 17.60 32.70 -18.87
N MET A 34 18.86 32.28 -18.79
CA MET A 34 19.24 30.90 -18.99
C MET A 34 20.24 30.48 -17.93
N SER A 35 20.41 29.17 -17.77
CA SER A 35 21.32 28.63 -16.77
C SER A 35 21.93 27.34 -17.28
N TRP A 36 23.07 26.99 -16.69
CA TRP A 36 23.67 25.67 -16.85
C TRP A 36 23.57 24.94 -15.52
N VAL A 37 23.00 23.74 -15.56
CA VAL A 37 22.93 22.86 -14.39
C VAL A 37 23.62 21.56 -14.76
N ARG A 38 24.52 21.11 -13.89
CA ARG A 38 25.31 19.92 -14.16
C ARG A 38 25.02 18.84 -13.12
N GLN A 39 25.32 17.60 -13.51
CA GLN A 39 25.09 16.44 -12.64
C GLN A 39 26.22 15.45 -12.86
N ALA A 40 27.06 15.27 -11.83
CA ALA A 40 28.06 14.24 -11.87
C ALA A 40 27.38 12.86 -11.97
N PRO A 41 27.99 11.91 -12.65
CA PRO A 41 27.33 10.61 -12.87
C PRO A 41 26.96 9.94 -11.55
N GLY A 42 25.68 9.58 -11.43
CA GLY A 42 25.20 8.95 -10.22
C GLY A 42 25.12 9.85 -9.01
N LYS A 43 25.23 11.16 -9.19
CA LYS A 43 25.18 12.11 -8.08
C LYS A 43 24.06 13.13 -8.33
N GLY A 44 24.03 14.17 -7.50
CA GLY A 44 22.93 15.12 -7.50
C GLY A 44 23.10 16.25 -8.51
N LEU A 45 22.08 17.12 -8.52
CA LEU A 45 22.10 18.28 -9.40
C LEU A 45 22.85 19.44 -8.75
N GLU A 46 23.56 20.20 -9.57
CA GLU A 46 24.25 21.40 -9.12
C GLU A 46 24.08 22.48 -10.17
N TRP A 47 23.55 23.63 -9.75
CA TRP A 47 23.45 24.78 -10.64
C TRP A 47 24.83 25.41 -10.83
N VAL A 48 25.18 25.70 -12.08
CA VAL A 48 26.53 26.17 -12.40
C VAL A 48 26.54 27.69 -12.52
N SER A 49 25.81 28.22 -13.50
CA SER A 49 25.87 29.64 -13.77
C SER A 49 24.57 30.09 -14.43
N ALA A 50 24.32 31.40 -14.41
CA ALA A 50 23.12 31.98 -14.97
C ALA A 50 23.46 33.22 -15.80
N ILE A 51 22.59 33.51 -16.76
CA ILE A 51 22.75 34.64 -17.68
C ILE A 51 21.45 35.43 -17.69
N SER A 52 21.56 36.74 -17.93
CA SER A 52 20.43 37.64 -17.67
C SER A 52 19.31 37.56 -18.71
N GLY A 53 19.59 37.12 -19.92
CA GLY A 53 18.57 37.18 -20.95
C GLY A 53 19.00 38.15 -22.03
N SER A 54 19.53 39.30 -21.62
CA SER A 54 20.14 40.26 -22.52
C SER A 54 21.67 40.16 -22.56
N GLY A 55 22.26 39.48 -21.58
CA GLY A 55 23.70 39.38 -21.44
C GLY A 55 24.29 40.29 -20.38
N GLY A 56 23.50 41.23 -19.84
CA GLY A 56 24.07 42.25 -18.96
C GLY A 56 24.43 41.73 -17.58
N SER A 57 23.75 40.69 -17.10
CA SER A 57 23.97 40.15 -15.77
C SER A 57 24.34 38.68 -15.86
N THR A 58 25.38 38.29 -15.14
CA THR A 58 25.83 36.90 -15.07
C THR A 58 25.97 36.49 -13.62
N TYR A 59 25.75 35.21 -13.37
CA TYR A 59 25.72 34.65 -12.02
C TYR A 59 26.51 33.35 -12.04
N TYR A 60 27.34 33.13 -11.01
CA TYR A 60 28.19 31.95 -10.96
C TYR A 60 28.16 31.33 -9.58
N ALA A 61 28.35 30.02 -9.54
CA ALA A 61 28.52 29.29 -8.28
C ALA A 61 29.98 29.31 -7.85
N ASP A 62 30.20 29.09 -6.56
CA ASP A 62 31.55 29.19 -6.01
C ASP A 62 32.51 28.20 -6.65
N SER A 63 32.00 27.04 -7.07
CA SER A 63 32.86 25.97 -7.59
C SER A 63 33.37 26.23 -9.00
N VAL A 64 32.86 27.26 -9.69
CA VAL A 64 33.22 27.51 -11.08
C VAL A 64 33.60 28.95 -11.36
N LYS A 65 33.65 29.81 -10.34
CA LYS A 65 33.96 31.22 -10.57
C LYS A 65 35.44 31.39 -10.91
N GLY A 66 35.71 32.13 -11.98
CA GLY A 66 37.05 32.29 -12.49
C GLY A 66 37.45 31.28 -13.56
N ARG A 67 36.81 30.11 -13.57
CA ARG A 67 37.14 29.06 -14.54
C ARG A 67 36.09 28.93 -15.64
N PHE A 68 34.82 29.13 -15.33
CA PHE A 68 33.74 29.02 -16.30
C PHE A 68 33.23 30.41 -16.66
N THR A 69 32.70 30.54 -17.88
CA THR A 69 32.20 31.82 -18.36
C THR A 69 30.89 31.59 -19.10
N ILE A 70 29.81 32.19 -18.60
CA ILE A 70 28.50 32.08 -19.24
C ILE A 70 28.36 33.23 -20.23
N SER A 71 27.80 32.92 -21.40
CA SER A 71 27.64 33.94 -22.43
C SER A 71 26.51 33.51 -23.36
N ARG A 72 25.97 34.50 -24.08
CA ARG A 72 24.87 34.29 -25.00
C ARG A 72 25.08 35.13 -26.25
N ASP A 73 24.37 34.77 -27.31
CA ASP A 73 24.27 35.61 -28.51
C ASP A 73 22.85 35.47 -29.03
N ASN A 74 22.05 36.53 -28.86
CA ASN A 74 20.62 36.44 -29.12
C ASN A 74 20.28 36.38 -30.60
N SER A 75 21.21 36.77 -31.48
CA SER A 75 20.95 36.66 -32.92
C SER A 75 20.74 35.21 -33.33
N LYS A 76 21.67 34.33 -32.94
CA LYS A 76 21.65 32.93 -33.35
C LYS A 76 20.96 32.02 -32.34
N ASN A 77 20.43 32.57 -31.24
CA ASN A 77 19.74 31.79 -30.20
C ASN A 77 20.62 30.66 -29.67
N THR A 78 21.74 31.05 -29.08
CA THR A 78 22.70 30.06 -28.59
C THR A 78 23.32 30.53 -27.29
N LEU A 79 23.42 29.61 -26.33
CA LEU A 79 24.00 29.84 -25.02
C LEU A 79 25.35 29.15 -24.93
N TYR A 80 26.31 29.80 -24.27
CA TYR A 80 27.66 29.27 -24.17
C TYR A 80 28.07 29.10 -22.71
N LEU A 81 28.91 28.09 -22.48
CA LEU A 81 29.64 27.95 -21.22
C LEU A 81 31.07 27.57 -21.57
N GLN A 82 31.99 28.50 -21.38
CA GLN A 82 33.40 28.28 -21.68
C GLN A 82 34.09 27.79 -20.41
N MET A 83 34.45 26.51 -20.39
CA MET A 83 35.05 25.87 -19.21
C MET A 83 36.56 25.82 -19.39
N ASN A 84 37.28 26.52 -18.51
CA ASN A 84 38.74 26.51 -18.50
C ASN A 84 39.23 25.98 -17.15
N SER A 85 40.51 25.59 -17.12
CA SER A 85 41.13 25.03 -15.92
C SER A 85 40.32 23.83 -15.40
N LEU A 86 39.87 22.99 -16.33
CA LEU A 86 38.99 21.89 -15.99
C LEU A 86 39.67 20.93 -15.02
N ARG A 87 38.91 20.51 -14.00
CA ARG A 87 39.36 19.53 -13.03
C ARG A 87 38.49 18.28 -13.13
N ALA A 88 38.87 17.25 -12.38
CA ALA A 88 38.10 16.02 -12.36
C ALA A 88 36.70 16.24 -11.79
N GLU A 89 36.56 17.18 -10.86
CA GLU A 89 35.27 17.43 -10.24
C GLU A 89 34.25 18.03 -11.22
N ASP A 90 34.70 18.54 -12.35
CA ASP A 90 33.80 19.08 -13.36
C ASP A 90 33.22 17.99 -14.26
N THR A 91 33.58 16.73 -14.04
CA THR A 91 32.99 15.63 -14.80
C THR A 91 31.51 15.53 -14.49
N ALA A 92 30.67 15.79 -15.49
CA ALA A 92 29.23 15.82 -15.28
C ALA A 92 28.53 15.92 -16.63
N VAL A 93 27.26 15.54 -16.63
CA VAL A 93 26.36 15.90 -17.72
C VAL A 93 25.93 17.35 -17.50
N TYR A 94 26.06 18.17 -18.54
CA TYR A 94 25.77 19.60 -18.44
C TYR A 94 24.46 19.89 -19.14
N TYR A 95 23.47 20.36 -18.38
CA TYR A 95 22.13 20.61 -18.87
C TYR A 95 21.96 22.08 -19.22
N CYS A 96 21.29 22.33 -20.34
CA CYS A 96 20.86 23.67 -20.73
C CYS A 96 19.43 23.86 -20.25
N ALA A 97 19.23 24.84 -19.36
CA ALA A 97 17.94 25.07 -18.71
C ALA A 97 17.45 26.48 -18.99
N LYS A 98 16.19 26.58 -19.41
CA LYS A 98 15.57 27.87 -19.68
C LYS A 98 14.88 28.38 -18.42
N ASP A 99 15.17 29.62 -18.04
CA ASP A 99 14.52 30.24 -16.90
C ASP A 99 13.10 30.65 -17.27
N ASN A 100 12.18 30.54 -16.30
CA ASN A 100 10.83 31.02 -16.52
C ASN A 100 10.84 32.52 -16.80
N TRP A 101 11.70 33.26 -16.11
CA TRP A 101 11.92 34.67 -16.37
C TRP A 101 13.34 35.02 -15.96
N GLN A 102 13.50 35.51 -14.74
CA GLN A 102 14.81 35.67 -14.12
C GLN A 102 14.67 35.33 -12.64
N GLU A 103 14.25 34.08 -12.38
CA GLU A 103 13.96 33.63 -11.03
C GLU A 103 14.64 32.31 -10.69
N LEU A 104 15.54 31.83 -11.55
CA LEU A 104 16.19 30.52 -11.37
C LEU A 104 15.16 29.41 -11.22
N LEU A 105 14.08 29.53 -11.98
CA LEU A 105 13.04 28.51 -12.09
C LEU A 105 13.00 28.03 -13.53
N PHE A 106 13.13 26.74 -13.75
CA PHE A 106 13.51 26.19 -15.04
C PHE A 106 12.31 25.59 -15.76
N ASP A 107 11.86 26.28 -16.81
CA ASP A 107 10.74 25.82 -17.62
C ASP A 107 11.10 24.54 -18.38
N TYR A 108 12.16 24.61 -19.19
CA TYR A 108 12.50 23.54 -20.11
C TYR A 108 13.97 23.17 -19.98
N TRP A 109 14.28 21.92 -20.29
CA TRP A 109 15.63 21.39 -20.21
C TRP A 109 16.01 20.75 -21.53
N GLY A 110 17.30 20.84 -21.85
CA GLY A 110 17.87 19.99 -22.88
C GLY A 110 18.08 18.60 -22.35
N GLN A 111 18.58 17.73 -23.22
CA GLN A 111 18.90 16.37 -22.81
C GLN A 111 20.30 16.24 -22.24
N GLY A 112 21.06 17.34 -22.20
CA GLY A 112 22.36 17.36 -21.58
C GLY A 112 23.47 16.81 -22.45
N THR A 113 24.69 17.31 -22.23
CA THR A 113 25.89 16.78 -22.88
C THR A 113 26.89 16.43 -21.80
N LEU A 114 27.55 15.28 -21.97
CA LEU A 114 28.45 14.76 -20.95
C LEU A 114 29.85 15.30 -21.16
N VAL A 115 30.46 15.77 -20.08
CA VAL A 115 31.83 16.26 -20.08
C VAL A 115 32.63 15.36 -19.15
N THR A 116 33.58 14.62 -19.69
CA THR A 116 34.44 13.73 -18.91
C THR A 116 35.84 14.33 -18.83
N VAL A 117 36.34 14.50 -17.61
CA VAL A 117 37.66 15.04 -17.36
C VAL A 117 38.49 13.92 -16.75
N SER A 118 39.27 13.24 -17.58
CA SER A 118 40.08 12.11 -17.14
C SER A 118 41.43 12.16 -17.83
N SER A 119 42.44 11.64 -17.13
CA SER A 119 43.80 11.56 -17.67
C SER A 119 44.16 10.17 -18.15
N ALA A 120 43.20 9.25 -18.20
CA ALA A 120 43.47 7.89 -18.61
C ALA A 120 43.45 7.79 -20.14
N SER A 121 44.47 7.14 -20.69
CA SER A 121 44.55 6.91 -22.13
C SER A 121 43.88 5.59 -22.48
N THR A 122 43.66 5.40 -23.78
CA THR A 122 43.08 4.15 -24.27
C THR A 122 43.96 2.97 -23.87
N LYS A 123 43.34 1.96 -23.25
CA LYS A 123 44.07 0.79 -22.77
C LYS A 123 43.19 -0.43 -22.88
N GLY A 124 43.76 -1.54 -23.36
CA GLY A 124 43.06 -2.79 -23.44
C GLY A 124 43.01 -3.51 -22.12
N PRO A 125 42.01 -4.38 -21.95
CA PRO A 125 41.85 -5.06 -20.66
C PRO A 125 42.74 -6.30 -20.55
N SER A 126 43.25 -6.52 -19.34
CA SER A 126 43.85 -7.79 -18.97
C SER A 126 42.76 -8.70 -18.42
N VAL A 127 42.57 -9.86 -19.04
CA VAL A 127 41.46 -10.76 -18.73
C VAL A 127 41.99 -11.93 -17.94
N PHE A 128 41.46 -12.12 -16.72
CA PHE A 128 41.86 -13.22 -15.87
C PHE A 128 40.67 -14.14 -15.58
N PRO A 129 40.90 -15.45 -15.48
CA PRO A 129 39.80 -16.37 -15.18
C PRO A 129 39.53 -16.46 -13.69
N LEU A 130 38.25 -16.60 -13.35
CA LEU A 130 37.81 -16.75 -11.96
C LEU A 130 37.44 -18.21 -11.75
N ALA A 131 38.25 -18.93 -10.96
CA ALA A 131 38.07 -20.36 -10.74
C ALA A 131 37.04 -20.60 -9.63
N PRO A 132 36.19 -21.65 -9.78
CA PRO A 132 35.13 -21.97 -8.82
C PRO A 132 35.67 -22.32 -7.43
N THR A 141 25.81 -26.92 -8.22
CA THR A 141 25.73 -25.50 -8.57
C THR A 141 26.98 -24.76 -8.09
N ALA A 142 27.85 -24.41 -9.03
CA ALA A 142 29.09 -23.71 -8.75
C ALA A 142 29.24 -22.53 -9.70
N ALA A 143 29.99 -21.53 -9.26
CA ALA A 143 30.11 -20.26 -9.97
C ALA A 143 31.56 -20.02 -10.38
N LEU A 144 31.78 -19.76 -11.67
CA LEU A 144 33.07 -19.31 -12.17
C LEU A 144 32.83 -18.21 -13.21
N GLY A 145 33.85 -17.39 -13.43
CA GLY A 145 33.69 -16.26 -14.31
C GLY A 145 35.00 -15.73 -14.86
N CYS A 146 34.96 -14.48 -15.30
CA CYS A 146 36.10 -13.81 -15.91
C CYS A 146 36.22 -12.40 -15.37
N LEU A 147 37.44 -12.01 -15.02
CA LEU A 147 37.72 -10.65 -14.57
C LEU A 147 38.31 -9.85 -15.72
N VAL A 148 37.67 -8.74 -16.05
CA VAL A 148 38.10 -7.86 -17.14
C VAL A 148 38.61 -6.58 -16.49
N LYS A 149 39.92 -6.49 -16.31
CA LYS A 149 40.53 -5.50 -15.42
C LYS A 149 41.27 -4.41 -16.20
N ASP A 150 41.06 -3.17 -15.76
CA ASP A 150 41.88 -2.01 -16.12
C ASP A 150 41.89 -1.77 -17.63
N TYR A 151 40.74 -1.32 -18.12
CA TYR A 151 40.58 -0.92 -19.51
C TYR A 151 39.97 0.47 -19.58
N PHE A 152 40.16 1.13 -20.72
CA PHE A 152 39.61 2.45 -20.96
C PHE A 152 39.61 2.71 -22.45
N PRO A 153 38.53 3.29 -23.01
CA PRO A 153 37.30 3.60 -22.29
C PRO A 153 36.28 2.48 -22.41
N GLU A 154 35.03 2.77 -22.01
CA GLU A 154 33.95 1.82 -22.17
C GLU A 154 33.54 1.77 -23.65
N PRO A 155 32.87 0.69 -24.08
CA PRO A 155 32.50 -0.52 -23.33
C PRO A 155 33.33 -1.74 -23.69
N VAL A 156 33.07 -2.86 -23.01
CA VAL A 156 33.60 -4.16 -23.39
C VAL A 156 32.45 -5.12 -23.57
N THR A 157 32.63 -6.08 -24.48
CA THR A 157 31.65 -7.12 -24.74
C THR A 157 32.14 -8.43 -24.14
N VAL A 158 31.22 -9.22 -23.60
CA VAL A 158 31.54 -10.51 -23.01
C VAL A 158 30.52 -11.54 -23.50
N SER A 159 31.03 -12.66 -24.01
CA SER A 159 30.20 -13.78 -24.43
C SER A 159 30.90 -15.07 -24.03
N TRP A 160 30.12 -16.08 -23.64
CA TRP A 160 30.65 -17.33 -23.13
C TRP A 160 30.41 -18.45 -24.14
N ASN A 161 31.48 -19.19 -24.45
CA ASN A 161 31.44 -20.32 -25.38
C ASN A 161 30.79 -19.91 -26.70
N SER A 162 31.25 -18.78 -27.25
CA SER A 162 30.76 -18.25 -28.52
C SER A 162 29.25 -17.99 -28.46
N GLY A 163 28.77 -17.53 -27.32
CA GLY A 163 27.35 -17.27 -27.13
C GLY A 163 26.47 -18.48 -27.05
N ALA A 164 27.04 -19.69 -27.12
CA ALA A 164 26.24 -20.91 -27.04
C ALA A 164 25.69 -21.14 -25.64
N LEU A 165 26.28 -20.53 -24.61
CA LEU A 165 25.83 -20.66 -23.24
C LEU A 165 25.29 -19.33 -22.76
N THR A 166 23.96 -19.22 -22.67
CA THR A 166 23.30 -18.05 -22.13
C THR A 166 22.67 -18.30 -20.76
N SER A 167 22.53 -19.56 -20.35
CA SER A 167 21.91 -19.90 -19.08
C SER A 167 22.72 -19.41 -17.90
N GLY A 168 22.17 -18.48 -17.13
CA GLY A 168 22.79 -18.04 -15.89
C GLY A 168 24.05 -17.22 -16.05
N VAL A 169 24.09 -16.34 -17.05
CA VAL A 169 25.24 -15.47 -17.29
C VAL A 169 24.85 -14.06 -16.85
N HIS A 170 25.61 -13.52 -15.90
CA HIS A 170 25.43 -12.15 -15.44
C HIS A 170 26.75 -11.41 -15.63
N THR A 171 26.73 -10.38 -16.49
CA THR A 171 27.88 -9.51 -16.71
C THR A 171 27.60 -8.19 -16.01
N PHE A 172 28.31 -7.93 -14.92
CA PHE A 172 28.02 -6.80 -14.07
C PHE A 172 28.45 -5.49 -14.72
N PRO A 173 27.87 -4.37 -14.28
CA PRO A 173 28.36 -3.07 -14.74
C PRO A 173 29.81 -2.85 -14.32
N ALA A 174 30.43 -1.88 -14.96
CA ALA A 174 31.85 -1.62 -14.75
C ALA A 174 32.08 -0.69 -13.57
N VAL A 175 33.10 -0.98 -12.79
CA VAL A 175 33.54 -0.11 -11.71
C VAL A 175 34.64 0.80 -12.24
N LEU A 176 34.59 2.08 -11.89
CA LEU A 176 35.63 3.04 -12.23
C LEU A 176 36.51 3.20 -10.99
N GLN A 177 37.74 2.71 -11.08
CA GLN A 177 38.67 2.76 -9.96
C GLN A 177 39.36 4.11 -9.88
N SER A 178 40.10 4.33 -8.79
CA SER A 178 40.78 5.60 -8.59
C SER A 178 41.78 5.89 -9.70
N SER A 179 42.31 4.85 -10.33
CA SER A 179 43.29 5.03 -11.41
C SER A 179 42.69 5.68 -12.64
N GLY A 180 41.35 5.67 -12.77
CA GLY A 180 40.70 6.17 -13.96
C GLY A 180 40.38 5.11 -14.99
N LEU A 181 40.65 3.83 -14.69
CA LEU A 181 40.37 2.73 -15.60
C LEU A 181 39.19 1.92 -15.09
N TYR A 182 38.47 1.32 -16.02
CA TYR A 182 37.30 0.52 -15.69
C TYR A 182 37.69 -0.94 -15.46
N SER A 183 36.91 -1.61 -14.61
CA SER A 183 37.03 -3.05 -14.40
C SER A 183 35.63 -3.65 -14.45
N LEU A 184 35.58 -4.95 -14.72
CA LEU A 184 34.32 -5.62 -15.00
C LEU A 184 34.46 -7.10 -14.70
N SER A 185 33.34 -7.74 -14.38
CA SER A 185 33.30 -9.18 -14.14
C SER A 185 32.07 -9.76 -14.81
N SER A 186 32.19 -11.02 -15.22
CA SER A 186 31.10 -11.76 -15.85
C SER A 186 31.18 -13.20 -15.37
N VAL A 187 30.08 -13.71 -14.83
CA VAL A 187 30.08 -15.01 -14.16
C VAL A 187 29.01 -15.91 -14.77
N VAL A 188 29.29 -17.21 -14.75
CA VAL A 188 28.36 -18.24 -15.18
C VAL A 188 28.28 -19.28 -14.05
N THR A 189 27.07 -19.54 -13.57
CA THR A 189 26.86 -20.57 -12.56
C THR A 189 26.44 -21.86 -13.26
N VAL A 190 27.14 -22.95 -12.93
CA VAL A 190 27.10 -24.16 -13.74
C VAL A 190 26.78 -25.35 -12.84
N PRO A 191 26.27 -26.44 -13.41
CA PRO A 191 26.12 -27.68 -12.63
C PRO A 191 27.45 -28.16 -12.08
N SER A 192 27.46 -28.47 -10.78
CA SER A 192 28.67 -28.88 -10.08
C SER A 192 29.17 -30.26 -10.49
N SER A 193 28.59 -30.87 -11.52
CA SER A 193 29.16 -32.12 -12.00
C SER A 193 29.99 -31.92 -13.26
N SER A 194 29.70 -30.89 -14.05
CA SER A 194 30.36 -30.67 -15.33
C SER A 194 31.66 -29.89 -15.21
N LEU A 195 32.37 -29.97 -14.07
CA LEU A 195 33.62 -29.23 -13.93
C LEU A 195 34.80 -29.96 -14.54
N GLY A 196 34.73 -31.29 -14.63
CA GLY A 196 35.79 -32.06 -15.23
C GLY A 196 35.51 -32.48 -16.65
N THR A 197 34.36 -32.10 -17.21
CA THR A 197 33.90 -32.52 -18.52
C THR A 197 34.12 -31.48 -19.59
N GLN A 198 33.58 -30.28 -19.38
CA GLN A 198 33.45 -29.30 -20.45
C GLN A 198 34.14 -28.01 -20.08
N THR A 199 34.70 -27.36 -21.08
CA THR A 199 35.38 -26.09 -20.93
C THR A 199 34.37 -24.96 -20.87
N TYR A 200 34.62 -23.99 -19.99
CA TYR A 200 33.84 -22.77 -19.93
C TYR A 200 34.76 -21.59 -20.20
N ILE A 201 34.49 -20.88 -21.29
CA ILE A 201 35.38 -19.87 -21.85
C ILE A 201 34.61 -18.55 -21.96
N CYS A 202 35.29 -17.45 -21.70
CA CYS A 202 34.77 -16.12 -21.98
C CYS A 202 35.56 -15.50 -23.12
N ASN A 203 34.88 -14.72 -23.96
CA ASN A 203 35.52 -13.95 -25.03
C ASN A 203 35.24 -12.48 -24.77
N VAL A 204 36.29 -11.74 -24.41
CA VAL A 204 36.20 -10.31 -24.11
C VAL A 204 36.56 -9.52 -25.35
N ASN A 205 35.80 -8.47 -25.62
CA ASN A 205 36.02 -7.60 -26.77
C ASN A 205 36.06 -6.16 -26.31
N HIS A 206 37.14 -5.46 -26.66
CA HIS A 206 37.29 -4.04 -26.37
C HIS A 206 37.71 -3.36 -27.67
N LYS A 207 36.72 -2.90 -28.44
CA LYS A 207 37.01 -2.30 -29.74
C LYS A 207 37.88 -1.04 -29.66
N PRO A 208 37.68 -0.11 -28.72
CA PRO A 208 38.56 1.07 -28.67
C PRO A 208 40.06 0.77 -28.68
N SER A 209 40.47 -0.35 -28.09
CA SER A 209 41.86 -0.78 -28.14
C SER A 209 42.09 -1.92 -29.13
N ASN A 210 41.06 -2.32 -29.88
CA ASN A 210 41.14 -3.40 -30.85
C ASN A 210 41.67 -4.69 -30.19
N THR A 211 41.02 -5.08 -29.10
CA THR A 211 41.43 -6.21 -28.29
C THR A 211 40.36 -7.29 -28.35
N LYS A 212 40.78 -8.53 -28.62
CA LYS A 212 39.90 -9.70 -28.56
C LYS A 212 40.68 -10.83 -27.91
N VAL A 213 40.22 -11.27 -26.73
CA VAL A 213 40.92 -12.28 -25.95
C VAL A 213 39.99 -13.44 -25.64
N ASP A 214 40.57 -14.63 -25.51
CA ASP A 214 39.92 -15.80 -24.93
C ASP A 214 40.62 -16.18 -23.64
N LYS A 215 39.85 -16.70 -22.68
CA LYS A 215 40.42 -17.20 -21.44
C LYS A 215 39.58 -18.36 -20.94
N LYS A 216 40.26 -19.33 -20.33
CA LYS A 216 39.66 -20.58 -19.90
C LYS A 216 39.49 -20.58 -18.39
N ALA A 217 38.27 -20.85 -17.92
CA ALA A 217 37.94 -20.84 -16.50
C ALA A 217 37.80 -22.27 -16.00
N GLU A 218 38.73 -22.69 -15.14
CA GLU A 218 38.77 -24.05 -14.62
C GLU A 218 39.27 -24.02 -13.18
N PRO A 219 38.90 -25.02 -12.35
CA PRO A 219 39.36 -25.18 -10.97
C PRO A 219 40.87 -24.97 -10.77
N GLN B 1 26.93 27.81 2.70
CA GLN B 1 28.00 27.12 1.98
C GLN B 1 27.73 25.62 1.89
N ALA B 2 26.47 25.24 2.11
CA ALA B 2 26.07 23.84 2.11
C ALA B 2 24.76 23.68 1.36
N GLY B 3 24.57 22.51 0.77
CA GLY B 3 23.34 22.19 0.08
C GLY B 3 22.23 21.79 1.04
N LEU B 4 21.03 21.64 0.49
CA LEU B 4 19.88 21.23 1.28
C LEU B 4 19.95 19.74 1.59
N THR B 5 19.27 19.35 2.67
CA THR B 5 19.33 17.99 3.19
C THR B 5 18.02 17.27 2.87
N GLN B 6 18.10 16.24 2.03
CA GLN B 6 16.99 15.35 1.74
C GLN B 6 17.31 13.95 2.22
N PRO B 7 16.30 13.17 2.61
CA PRO B 7 16.55 11.75 2.88
C PRO B 7 17.00 11.03 1.62
N ALA B 8 17.93 10.10 1.78
CA ALA B 8 18.48 9.41 0.62
C ALA B 8 17.43 8.54 -0.07
N SER B 9 16.53 7.93 0.71
CA SER B 9 15.57 6.99 0.15
C SER B 9 14.22 7.14 0.85
N VAL B 10 13.16 7.06 0.05
CA VAL B 10 11.79 7.00 0.54
C VAL B 10 11.07 5.94 -0.30
N SER B 11 10.23 5.13 0.35
CA SER B 11 9.59 4.03 -0.37
C SER B 11 8.20 3.77 0.19
N GLY B 12 7.28 3.46 -0.73
CA GLY B 12 5.94 3.03 -0.35
C GLY B 12 5.40 2.10 -1.42
N SER B 13 4.32 1.42 -1.07
CA SER B 13 3.66 0.51 -1.99
C SER B 13 2.62 1.25 -2.82
N PRO B 14 2.18 0.68 -3.94
CA PRO B 14 1.17 1.37 -4.76
C PRO B 14 -0.08 1.69 -3.97
N GLY B 15 -0.62 2.88 -4.20
CA GLY B 15 -1.77 3.38 -3.47
C GLY B 15 -1.45 4.11 -2.20
N GLN B 16 -0.27 3.89 -1.61
CA GLN B 16 0.12 4.57 -0.39
C GLN B 16 0.58 6.00 -0.69
N SER B 17 0.75 6.77 0.39
CA SER B 17 1.21 8.14 0.31
C SER B 17 2.54 8.28 1.04
N ILE B 18 3.42 9.13 0.51
CA ILE B 18 4.75 9.34 1.09
C ILE B 18 5.04 10.83 1.12
N THR B 19 6.04 11.19 1.92
CA THR B 19 6.49 12.57 2.04
C THR B 19 8.01 12.61 1.98
N ILE B 20 8.54 13.54 1.21
CA ILE B 20 9.99 13.74 1.09
C ILE B 20 10.32 15.10 1.71
N SER B 21 11.18 15.10 2.72
CA SER B 21 11.53 16.33 3.41
C SER B 21 12.73 16.99 2.75
N CYS B 22 12.93 18.27 3.08
CA CYS B 22 13.98 19.08 2.46
C CYS B 22 14.34 20.20 3.44
N THR B 23 15.34 19.93 4.28
CA THR B 23 15.71 20.84 5.35
C THR B 23 16.79 21.80 4.87
N GLY B 24 16.56 23.11 5.08
CA GLY B 24 17.49 24.14 4.74
C GLY B 24 17.77 25.04 5.93
N THR B 25 18.07 26.30 5.63
CA THR B 25 18.40 27.30 6.65
C THR B 25 17.49 28.52 6.49
N SER B 26 17.68 29.48 7.39
CA SER B 26 16.93 30.74 7.32
C SER B 26 17.28 31.58 6.11
N SER B 27 18.35 31.23 5.38
CA SER B 27 18.74 31.97 4.19
C SER B 27 18.16 31.39 2.92
N ASP B 28 17.54 30.21 2.97
CA ASP B 28 16.99 29.60 1.77
C ASP B 28 15.53 29.18 1.98
N VAL B 29 15.31 27.95 2.41
CA VAL B 29 13.95 27.43 2.56
C VAL B 29 13.17 28.28 3.57
N GLY B 30 13.79 28.61 4.69
CA GLY B 30 13.15 29.41 5.71
C GLY B 30 13.22 30.91 5.52
N GLY B 31 13.78 31.39 4.41
CA GLY B 31 13.93 32.81 4.20
C GLY B 31 13.12 33.36 3.05
N TYR B 32 12.64 32.48 2.17
CA TYR B 32 11.87 32.88 1.01
C TYR B 32 10.76 31.86 0.79
N ASN B 33 9.92 32.13 -0.21
CA ASN B 33 8.86 31.23 -0.64
C ASN B 33 9.13 30.69 -2.04
N TYR B 34 10.41 30.43 -2.33
CA TYR B 34 10.80 29.95 -3.64
C TYR B 34 11.45 28.57 -3.55
N VAL B 35 10.73 27.62 -2.98
CA VAL B 35 11.17 26.22 -2.95
C VAL B 35 10.57 25.51 -4.15
N SER B 36 11.43 24.84 -4.92
CA SER B 36 11.00 24.09 -6.10
C SER B 36 11.32 22.61 -5.90
N TRP B 37 10.56 21.76 -6.58
CA TRP B 37 10.79 20.32 -6.59
C TRP B 37 10.88 19.83 -8.02
N TYR B 38 11.87 19.00 -8.31
CA TYR B 38 12.09 18.44 -9.62
C TYR B 38 12.06 16.92 -9.55
N GLN B 39 11.48 16.30 -10.58
CA GLN B 39 11.45 14.85 -10.72
C GLN B 39 12.37 14.45 -11.87
N GLN B 40 13.25 13.49 -11.63
CA GLN B 40 14.20 13.04 -12.65
C GLN B 40 14.12 11.53 -12.77
N HIS B 41 13.64 11.06 -13.92
CA HIS B 41 13.65 9.65 -14.25
C HIS B 41 15.02 9.25 -14.80
N PRO B 42 15.37 7.97 -14.73
CA PRO B 42 16.70 7.53 -15.17
C PRO B 42 17.04 7.98 -16.59
N GLY B 43 18.18 8.65 -16.72
CA GLY B 43 18.70 9.03 -18.01
C GLY B 43 17.93 10.14 -18.72
N LYS B 44 17.10 10.89 -18.00
CA LYS B 44 16.33 11.98 -18.58
C LYS B 44 16.58 13.26 -17.80
N ALA B 45 16.12 14.37 -18.39
CA ALA B 45 16.31 15.67 -17.77
C ALA B 45 15.31 15.86 -16.62
N PRO B 46 15.68 16.68 -15.62
CA PRO B 46 14.74 16.98 -14.54
C PRO B 46 13.45 17.61 -15.07
N LYS B 47 12.37 17.40 -14.32
CA LYS B 47 11.05 17.93 -14.68
C LYS B 47 10.49 18.70 -13.50
N LEU B 48 10.07 19.95 -13.75
CA LEU B 48 9.51 20.79 -12.69
C LEU B 48 8.16 20.23 -12.25
N MET B 49 8.05 19.91 -10.96
CA MET B 49 6.81 19.40 -10.39
C MET B 49 6.14 20.36 -9.42
N ILE B 50 6.92 21.14 -8.67
CA ILE B 50 6.41 22.10 -7.71
C ILE B 50 7.28 23.36 -7.76
N TYR B 51 6.63 24.52 -7.76
CA TYR B 51 7.34 25.79 -7.70
C TYR B 51 6.67 26.69 -6.67
N ASP B 52 7.46 27.59 -6.08
CA ASP B 52 6.98 28.52 -5.06
C ASP B 52 6.30 27.76 -3.92
N VAL B 53 6.98 26.71 -3.45
CA VAL B 53 6.61 25.92 -2.29
C VAL B 53 5.44 24.97 -2.59
N SER B 54 4.32 25.52 -3.08
CA SER B 54 3.09 24.75 -3.15
C SER B 54 2.38 24.74 -4.49
N ASN B 55 2.93 25.38 -5.52
CA ASN B 55 2.23 25.52 -6.78
C ASN B 55 2.70 24.48 -7.80
N ARG B 56 1.77 24.06 -8.65
CA ARG B 56 2.01 23.02 -9.64
C ARG B 56 1.93 23.61 -11.04
N PRO B 57 2.93 23.41 -11.89
CA PRO B 57 2.78 23.77 -13.30
C PRO B 57 1.73 22.90 -13.97
N SER B 58 1.21 23.39 -15.08
CA SER B 58 0.13 22.69 -15.78
C SER B 58 0.58 21.31 -16.22
N GLY B 59 -0.30 20.32 -16.06
CA GLY B 59 -0.04 18.96 -16.41
C GLY B 59 0.40 18.08 -15.26
N VAL B 60 1.05 18.67 -14.25
CA VAL B 60 1.52 17.89 -13.11
C VAL B 60 0.32 17.38 -12.32
N SER B 61 0.33 16.08 -12.01
CA SER B 61 -0.79 15.45 -11.31
C SER B 61 -1.01 16.09 -9.95
N ASP B 62 -2.29 16.22 -9.57
CA ASP B 62 -2.61 16.82 -8.28
C ASP B 62 -2.31 15.89 -7.11
N ARG B 63 -1.76 14.70 -7.36
CA ARG B 63 -1.26 13.86 -6.28
C ARG B 63 0.02 14.40 -5.67
N PHE B 64 0.66 15.36 -6.34
CA PHE B 64 1.86 16.02 -5.83
C PHE B 64 1.47 17.34 -5.18
N SER B 65 1.90 17.53 -3.94
CA SER B 65 1.63 18.77 -3.23
C SER B 65 2.86 19.15 -2.41
N GLY B 66 3.14 20.44 -2.35
CA GLY B 66 4.28 20.96 -1.60
C GLY B 66 3.81 21.88 -0.48
N SER B 67 4.59 21.90 0.59
CA SER B 67 4.34 22.79 1.71
C SER B 67 5.67 23.03 2.43
N LYS B 68 5.62 23.88 3.44
CA LYS B 68 6.83 24.32 4.12
C LYS B 68 6.50 24.69 5.56
N SER B 69 7.43 24.39 6.47
CA SER B 69 7.30 24.76 7.88
C SER B 69 8.68 25.09 8.40
N GLY B 70 8.88 26.35 8.77
CA GLY B 70 10.19 26.77 9.25
C GLY B 70 11.23 26.63 8.15
N ASN B 71 12.25 25.82 8.41
CA ASN B 71 13.33 25.58 7.46
C ASN B 71 13.16 24.29 6.68
N THR B 72 12.05 23.57 6.88
CA THR B 72 11.84 22.27 6.26
C THR B 72 10.70 22.37 5.25
N ALA B 73 11.01 22.11 3.99
CA ALA B 73 10.01 21.95 2.95
C ALA B 73 9.72 20.47 2.73
N SER B 74 8.50 20.17 2.27
CA SER B 74 8.07 18.79 2.13
C SER B 74 7.29 18.61 0.85
N LEU B 75 7.64 17.56 0.10
CA LEU B 75 6.87 17.12 -1.06
C LEU B 75 6.11 15.87 -0.67
N THR B 76 4.80 15.86 -0.95
CA THR B 76 3.94 14.75 -0.61
C THR B 76 3.31 14.18 -1.87
N ILE B 77 3.42 12.87 -2.05
CA ILE B 77 2.84 12.17 -3.18
C ILE B 77 1.81 11.19 -2.63
N SER B 78 0.54 11.48 -2.89
CA SER B 78 -0.55 10.60 -2.47
C SER B 78 -0.85 9.58 -3.57
N GLY B 79 -1.36 8.44 -3.17
CA GLY B 79 -1.71 7.38 -4.10
C GLY B 79 -0.57 7.01 -5.01
N LEU B 80 0.49 6.44 -4.45
CA LEU B 80 1.70 6.15 -5.20
C LEU B 80 1.40 5.25 -6.40
N GLN B 81 1.86 5.68 -7.57
CA GLN B 81 1.79 4.89 -8.78
C GLN B 81 3.19 4.46 -9.18
N THR B 82 3.26 3.41 -10.01
CA THR B 82 4.55 2.81 -10.34
C THR B 82 5.49 3.81 -11.00
N GLU B 83 4.97 4.67 -11.87
CA GLU B 83 5.80 5.62 -12.59
C GLU B 83 6.35 6.73 -11.71
N ASP B 84 5.86 6.86 -10.47
CA ASP B 84 6.40 7.86 -9.56
C ASP B 84 7.81 7.52 -9.09
N GLU B 85 8.25 6.28 -9.30
CA GLU B 85 9.60 5.87 -8.95
C GLU B 85 10.63 6.68 -9.74
N ALA B 86 11.35 7.56 -9.06
CA ALA B 86 12.35 8.42 -9.69
C ALA B 86 13.17 9.08 -8.59
N ASP B 87 14.06 9.99 -9.00
CA ASP B 87 14.77 10.85 -8.07
C ASP B 87 14.02 12.18 -7.95
N TYR B 88 14.03 12.74 -6.75
CA TYR B 88 13.35 14.01 -6.49
C TYR B 88 14.33 14.97 -5.83
N TYR B 89 14.48 16.15 -6.42
CA TYR B 89 15.40 17.18 -5.93
C TYR B 89 14.60 18.42 -5.56
N CYS B 90 14.81 18.91 -4.35
CA CYS B 90 14.29 20.21 -3.96
C CYS B 90 15.33 21.28 -4.23
N SER B 91 14.86 22.49 -4.50
CA SER B 91 15.74 23.61 -4.78
C SER B 91 15.15 24.86 -4.17
N SER B 92 16.03 25.77 -3.75
CA SER B 92 15.60 27.01 -3.12
C SER B 92 16.40 28.19 -3.68
N TRP B 93 15.77 29.35 -3.70
CA TRP B 93 16.47 30.58 -4.02
C TRP B 93 17.33 31.01 -2.85
N THR B 94 18.46 31.63 -3.16
CA THR B 94 19.31 32.28 -2.17
C THR B 94 19.68 33.66 -2.67
N ARG B 95 20.07 34.53 -1.73
CA ARG B 95 20.37 35.91 -2.11
C ARG B 95 21.68 36.02 -2.86
N SER B 96 22.72 35.32 -2.39
CA SER B 96 24.05 35.48 -2.96
C SER B 96 24.71 34.17 -3.39
N SER B 97 24.02 33.04 -3.27
CA SER B 97 24.60 31.74 -3.62
C SER B 97 23.89 31.07 -4.79
N GLY B 98 23.03 31.79 -5.50
CA GLY B 98 22.33 31.21 -6.63
C GLY B 98 21.29 30.19 -6.21
N LEU B 99 21.06 29.22 -7.10
CA LEU B 99 20.12 28.15 -6.85
C LEU B 99 20.83 26.98 -6.16
N VAL B 100 20.46 26.69 -4.92
CA VAL B 100 21.03 25.58 -4.17
C VAL B 100 20.05 24.41 -4.21
N PHE B 101 20.59 23.21 -4.40
CA PHE B 101 19.80 21.99 -4.52
C PHE B 101 19.92 21.16 -3.25
N GLY B 102 18.96 20.28 -3.07
CA GLY B 102 19.11 19.20 -2.13
C GLY B 102 19.88 18.04 -2.74
N GLY B 103 20.32 17.13 -1.87
CA GLY B 103 21.09 15.98 -2.34
C GLY B 103 20.31 15.00 -3.19
N GLY B 104 18.99 15.08 -3.17
CA GLY B 104 18.17 14.16 -3.95
C GLY B 104 17.64 13.01 -3.12
N THR B 105 16.44 12.58 -3.46
CA THR B 105 15.79 11.45 -2.79
C THR B 105 15.37 10.44 -3.84
N GLN B 106 15.79 9.19 -3.66
CA GLN B 106 15.34 8.10 -4.52
C GLN B 106 14.03 7.56 -3.97
N LEU B 107 12.97 7.67 -4.77
CA LEU B 107 11.66 7.17 -4.40
C LEU B 107 11.46 5.80 -5.04
N THR B 108 11.22 4.79 -4.21
CA THR B 108 10.97 3.43 -4.68
C THR B 108 9.50 3.09 -4.48
N VAL B 109 8.86 2.62 -5.54
CA VAL B 109 7.49 2.13 -5.48
C VAL B 109 7.59 0.61 -5.41
N LEU B 110 7.46 0.07 -4.19
CA LEU B 110 7.65 -1.35 -3.94
C LEU B 110 6.71 -2.21 -4.77
N GLY B 111 7.24 -2.87 -5.79
CA GLY B 111 6.47 -3.80 -6.60
C GLY B 111 7.04 -5.20 -6.56
N GLN B 112 7.80 -5.49 -5.50
CA GLN B 112 8.50 -6.76 -5.35
C GLN B 112 8.70 -7.01 -3.87
N PRO B 113 8.75 -8.27 -3.44
CA PRO B 113 9.06 -8.57 -2.04
C PRO B 113 10.54 -8.36 -1.75
N LYS B 114 10.83 -8.16 -0.46
CA LYS B 114 12.19 -7.98 0.00
C LYS B 114 13.00 -9.25 -0.26
N ALA B 115 14.07 -9.11 -1.06
CA ALA B 115 14.89 -10.24 -1.45
C ALA B 115 16.30 -10.06 -0.91
N ALA B 116 16.81 -11.09 -0.22
CA ALA B 116 18.17 -11.07 0.29
C ALA B 116 19.17 -11.31 -0.85
N PRO B 117 20.36 -10.74 -0.75
CA PRO B 117 21.32 -10.85 -1.86
C PRO B 117 22.10 -12.15 -1.84
N SER B 118 22.32 -12.70 -3.03
CA SER B 118 23.24 -13.82 -3.22
C SER B 118 24.64 -13.27 -3.42
N VAL B 119 25.62 -13.90 -2.78
CA VAL B 119 26.98 -13.38 -2.76
C VAL B 119 27.94 -14.50 -3.15
N THR B 120 28.84 -14.20 -4.09
CA THR B 120 29.90 -15.11 -4.51
C THR B 120 31.20 -14.34 -4.50
N LEU B 121 32.17 -14.82 -3.73
CA LEU B 121 33.46 -14.17 -3.59
C LEU B 121 34.54 -15.00 -4.28
N PHE B 122 35.38 -14.35 -5.08
CA PHE B 122 36.40 -15.05 -5.84
C PHE B 122 37.80 -14.69 -5.35
N PRO B 123 38.69 -15.66 -5.27
CA PRO B 123 40.07 -15.37 -4.87
C PRO B 123 40.88 -14.88 -6.07
N PRO B 124 42.09 -14.35 -5.84
CA PRO B 124 42.92 -13.92 -6.96
C PRO B 124 43.28 -15.08 -7.88
N SER B 125 43.29 -14.81 -9.17
CA SER B 125 43.64 -15.84 -10.14
C SER B 125 45.09 -16.28 -9.96
N SER B 126 45.41 -17.42 -10.55
CA SER B 126 46.81 -17.81 -10.68
C SER B 126 47.54 -16.91 -11.64
N GLU B 127 46.90 -16.58 -12.77
CA GLU B 127 47.53 -15.75 -13.79
C GLU B 127 47.80 -14.34 -13.27
N GLU B 128 46.90 -13.78 -12.46
CA GLU B 128 47.10 -12.40 -12.00
C GLU B 128 48.22 -12.31 -10.97
N LEU B 129 48.31 -13.31 -10.10
CA LEU B 129 49.33 -13.32 -9.05
C LEU B 129 50.72 -13.57 -9.64
N GLN B 130 50.80 -14.41 -10.65
CA GLN B 130 52.01 -14.51 -11.44
C GLN B 130 52.36 -13.20 -12.14
N ALA B 131 51.36 -12.33 -12.35
CA ALA B 131 51.58 -11.00 -12.90
C ALA B 131 51.74 -9.94 -11.82
N ASN B 132 52.10 -10.34 -10.59
CA ASN B 132 52.36 -9.39 -9.49
C ASN B 132 51.08 -8.61 -9.13
N LYS B 133 49.92 -9.21 -9.30
CA LYS B 133 48.69 -8.50 -8.96
C LYS B 133 47.73 -9.44 -8.26
N ALA B 134 46.85 -8.87 -7.44
CA ALA B 134 45.88 -9.65 -6.68
C ALA B 134 44.60 -8.84 -6.57
N THR B 135 43.48 -9.46 -6.94
CA THR B 135 42.18 -8.79 -6.88
C THR B 135 41.14 -9.79 -6.41
N LEU B 136 40.42 -9.44 -5.34
CA LEU B 136 39.31 -10.24 -4.84
C LEU B 136 38.01 -9.67 -5.38
N VAL B 137 37.17 -10.54 -5.93
CA VAL B 137 36.00 -10.12 -6.67
C VAL B 137 34.78 -10.60 -5.88
N CYS B 138 34.05 -9.66 -5.29
CA CYS B 138 32.84 -9.93 -4.54
C CYS B 138 31.65 -9.40 -5.34
N LEU B 139 30.74 -10.28 -5.73
CA LEU B 139 29.66 -9.94 -6.63
C LEU B 139 28.33 -10.26 -5.97
N ILE B 140 27.49 -9.24 -5.86
CA ILE B 140 26.25 -9.30 -5.11
C ILE B 140 25.11 -9.17 -6.11
N SER B 141 24.16 -10.11 -6.05
CA SER B 141 23.10 -10.17 -7.05
C SER B 141 21.79 -10.58 -6.41
N ASP B 142 20.70 -10.26 -7.11
CA ASP B 142 19.35 -10.75 -6.80
C ASP B 142 18.85 -10.24 -5.45
N PHE B 143 19.07 -8.96 -5.17
CA PHE B 143 18.54 -8.34 -3.95
C PHE B 143 17.56 -7.24 -4.33
N TYR B 144 16.54 -7.06 -3.49
CA TYR B 144 15.51 -6.04 -3.64
C TYR B 144 15.15 -5.53 -2.24
N PRO B 145 15.04 -4.20 -2.05
CA PRO B 145 15.31 -3.17 -3.04
C PRO B 145 16.79 -2.91 -3.27
N GLY B 146 17.11 -1.92 -4.10
CA GLY B 146 18.47 -1.75 -4.61
C GLY B 146 19.37 -0.89 -3.77
N ALA B 147 19.72 -1.37 -2.58
CA ALA B 147 20.61 -0.64 -1.70
C ALA B 147 21.35 -1.63 -0.81
N VAL B 148 22.67 -1.55 -0.83
CA VAL B 148 23.53 -2.42 -0.03
C VAL B 148 24.73 -1.62 0.46
N THR B 149 25.45 -2.21 1.41
CA THR B 149 26.70 -1.67 1.92
C THR B 149 27.68 -2.82 2.08
N VAL B 150 28.89 -2.66 1.55
CA VAL B 150 29.90 -3.71 1.57
C VAL B 150 31.03 -3.29 2.48
N ALA B 151 31.49 -4.23 3.31
CA ALA B 151 32.59 -4.01 4.23
C ALA B 151 33.59 -5.15 4.08
N TRP B 152 34.82 -4.82 3.70
CA TRP B 152 35.88 -5.81 3.53
C TRP B 152 36.67 -5.93 4.83
N LYS B 153 36.84 -7.16 5.30
CA LYS B 153 37.60 -7.42 6.52
C LYS B 153 38.55 -8.58 6.27
N ALA B 154 39.81 -8.40 6.66
CA ALA B 154 40.83 -9.43 6.53
C ALA B 154 41.02 -10.11 7.88
N ASP B 155 40.51 -11.34 7.99
CA ASP B 155 40.60 -12.13 9.23
C ASP B 155 39.97 -11.39 10.42
N GLY B 156 38.98 -10.53 10.15
CA GLY B 156 38.32 -9.76 11.16
C GLY B 156 38.73 -8.30 11.19
N SER B 157 39.94 -7.97 10.74
CA SER B 157 40.40 -6.59 10.75
C SER B 157 39.79 -5.84 9.57
N PRO B 158 39.17 -4.69 9.80
CA PRO B 158 38.57 -3.94 8.69
C PRO B 158 39.62 -3.32 7.80
N VAL B 159 39.40 -3.39 6.48
CA VAL B 159 40.30 -2.83 5.50
C VAL B 159 39.51 -1.99 4.51
N LYS B 160 39.94 -0.74 4.31
CA LYS B 160 39.36 0.15 3.32
C LYS B 160 40.34 0.51 2.20
N ALA B 161 41.61 0.14 2.33
CA ALA B 161 42.59 0.46 1.30
C ALA B 161 42.35 -0.36 0.05
N GLY B 162 42.37 0.31 -1.11
CA GLY B 162 42.22 -0.38 -2.38
C GLY B 162 40.88 -1.02 -2.61
N VAL B 163 39.80 -0.43 -2.11
CA VAL B 163 38.46 -0.96 -2.23
C VAL B 163 37.65 -0.07 -3.15
N GLU B 164 37.00 -0.68 -4.14
CA GLU B 164 36.08 0.01 -5.03
C GLU B 164 34.84 -0.85 -5.21
N THR B 165 33.67 -0.26 -4.97
CA THR B 165 32.39 -0.95 -5.09
C THR B 165 31.50 -0.18 -6.04
N THR B 166 30.76 -0.90 -6.88
CA THR B 166 29.86 -0.28 -7.83
C THR B 166 28.52 0.02 -7.18
N THR B 167 27.83 1.01 -7.70
CA THR B 167 26.49 1.30 -7.24
C THR B 167 25.53 0.22 -7.72
N PRO B 168 24.54 -0.16 -6.90
CA PRO B 168 23.60 -1.21 -7.34
C PRO B 168 22.86 -0.82 -8.61
N SER B 169 22.65 -1.80 -9.48
CA SER B 169 21.97 -1.62 -10.75
C SER B 169 21.02 -2.78 -10.98
N LYS B 170 19.89 -2.47 -11.63
CA LYS B 170 18.83 -3.45 -11.88
C LYS B 170 19.27 -4.44 -12.93
N GLN B 171 19.14 -5.74 -12.62
CA GLN B 171 19.31 -6.78 -13.64
C GLN B 171 18.08 -6.83 -14.55
N SER B 172 17.90 -7.90 -15.33
CA SER B 172 16.72 -8.01 -16.19
C SER B 172 15.48 -8.39 -15.39
N ASN B 173 15.63 -9.15 -14.32
CA ASN B 173 14.50 -9.63 -13.52
C ASN B 173 14.11 -8.64 -12.44
N ASN B 174 14.36 -7.35 -12.67
CA ASN B 174 13.98 -6.26 -11.78
C ASN B 174 14.78 -6.24 -10.48
N LYS B 175 15.41 -7.36 -10.13
CA LYS B 175 16.31 -7.36 -8.99
C LYS B 175 17.60 -6.61 -9.35
N TYR B 176 18.34 -6.25 -8.32
CA TYR B 176 19.51 -5.39 -8.45
C TYR B 176 20.78 -6.16 -8.11
N ALA B 177 21.90 -5.69 -8.66
CA ALA B 177 23.18 -6.35 -8.47
C ALA B 177 24.27 -5.31 -8.25
N ALA B 178 25.35 -5.74 -7.61
CA ALA B 178 26.49 -4.87 -7.36
C ALA B 178 27.75 -5.72 -7.28
N SER B 179 28.91 -5.06 -7.39
CA SER B 179 30.19 -5.73 -7.40
C SER B 179 31.15 -5.03 -6.45
N SER B 180 32.10 -5.80 -5.91
CA SER B 180 33.10 -5.30 -4.98
C SER B 180 34.45 -5.87 -5.34
N TYR B 181 35.46 -5.00 -5.46
CA TYR B 181 36.81 -5.40 -5.82
C TYR B 181 37.78 -4.92 -4.75
N LEU B 182 38.61 -5.82 -4.25
CA LEU B 182 39.67 -5.50 -3.30
C LEU B 182 41.01 -5.73 -3.99
N SER B 183 41.71 -4.64 -4.29
CA SER B 183 43.01 -4.71 -4.95
C SER B 183 44.10 -4.74 -3.88
N LEU B 184 44.86 -5.84 -3.84
CA LEU B 184 45.93 -6.00 -2.90
C LEU B 184 47.22 -6.34 -3.64
N THR B 185 48.34 -6.15 -2.95
CA THR B 185 49.56 -6.73 -3.42
C THR B 185 49.55 -8.25 -3.18
N PRO B 186 50.25 -9.01 -4.02
CA PRO B 186 50.41 -10.45 -3.80
C PRO B 186 50.61 -10.86 -2.36
N GLU B 187 51.66 -10.35 -1.72
CA GLU B 187 52.17 -10.86 -0.44
C GLU B 187 51.26 -10.50 0.73
N GLN B 188 50.45 -9.46 0.60
CA GLN B 188 49.46 -9.19 1.63
C GLN B 188 48.21 -10.05 1.45
N TRP B 189 48.03 -10.65 0.27
CA TRP B 189 47.03 -11.69 0.12
C TRP B 189 47.49 -12.99 0.78
N LYS B 190 48.78 -13.30 0.65
CA LYS B 190 49.35 -14.52 1.22
C LYS B 190 49.72 -14.37 2.69
N SER B 191 49.61 -13.17 3.26
CA SER B 191 50.02 -12.92 4.64
C SER B 191 48.90 -13.12 5.65
N HIS B 192 47.64 -12.98 5.24
CA HIS B 192 46.51 -13.14 6.13
C HIS B 192 45.92 -14.54 6.02
N ARG B 193 45.18 -14.94 7.05
CA ARG B 193 44.62 -16.29 7.06
C ARG B 193 43.45 -16.41 6.10
N SER B 194 42.54 -15.43 6.11
CA SER B 194 41.42 -15.43 5.18
C SER B 194 41.02 -13.98 4.89
N TYR B 195 40.34 -13.81 3.78
CA TYR B 195 39.71 -12.54 3.42
C TYR B 195 38.21 -12.77 3.28
N SER B 196 37.43 -11.79 3.74
CA SER B 196 35.98 -11.95 3.80
C SER B 196 35.29 -10.69 3.28
N CYS B 197 34.17 -10.88 2.61
CA CYS B 197 33.35 -9.80 2.06
C CYS B 197 31.98 -9.87 2.69
N GLN B 198 31.61 -8.83 3.43
CA GLN B 198 30.32 -8.75 4.10
C GLN B 198 29.46 -7.69 3.42
N VAL B 199 28.22 -8.04 3.12
CA VAL B 199 27.25 -7.11 2.56
C VAL B 199 26.01 -7.11 3.45
N THR B 200 25.59 -5.93 3.88
CA THR B 200 24.41 -5.77 4.73
C THR B 200 23.27 -5.24 3.88
N HIS B 201 22.14 -5.97 3.88
CA HIS B 201 20.96 -5.59 3.11
C HIS B 201 19.74 -5.66 4.00
N GLU B 202 19.12 -4.51 4.25
CA GLU B 202 17.93 -4.41 5.09
C GLU B 202 18.20 -4.99 6.48
N GLY B 203 19.30 -4.54 7.10
CA GLY B 203 19.67 -4.97 8.43
C GLY B 203 20.28 -6.35 8.52
N SER B 204 20.10 -7.20 7.52
CA SER B 204 20.65 -8.54 7.52
C SER B 204 21.97 -8.54 6.74
N THR B 205 22.98 -9.19 7.30
CA THR B 205 24.32 -9.21 6.71
C THR B 205 24.60 -10.58 6.10
N VAL B 206 25.09 -10.58 4.86
CA VAL B 206 25.50 -11.79 4.17
C VAL B 206 27.01 -11.75 4.01
N GLU B 207 27.66 -12.88 4.27
CA GLU B 207 29.11 -12.94 4.34
C GLU B 207 29.64 -14.13 3.55
N LYS B 208 30.85 -13.98 3.01
CA LYS B 208 31.56 -15.07 2.35
C LYS B 208 33.06 -14.89 2.55
N THR B 209 33.76 -16.01 2.70
CA THR B 209 35.18 -16.03 2.95
C THR B 209 35.91 -16.79 1.86
N VAL B 210 37.22 -16.53 1.74
CA VAL B 210 38.11 -17.30 0.89
C VAL B 210 39.46 -17.41 1.58
N ALA B 211 40.21 -18.45 1.22
CA ALA B 211 41.50 -18.75 1.81
C ALA B 211 42.54 -18.88 0.71
N PRO B 212 43.82 -18.63 1.04
CA PRO B 212 44.87 -18.76 0.01
C PRO B 212 44.98 -20.14 -0.61
N THR B 213 44.46 -21.18 0.05
CA THR B 213 44.47 -22.54 -0.49
C THR B 213 45.85 -22.99 -0.92
N GLY C 15 19.81 42.36 -12.16
CA GLY C 15 20.00 42.21 -10.73
C GLY C 15 19.52 40.87 -10.20
N TRP C 16 20.45 40.08 -9.65
CA TRP C 16 20.14 38.76 -9.11
C TRP C 16 19.95 38.78 -7.60
N GLY C 17 19.64 39.94 -7.03
CA GLY C 17 19.40 40.00 -5.59
C GLY C 17 18.07 39.38 -5.21
N ASP C 18 17.07 39.52 -6.06
CA ASP C 18 15.75 38.93 -5.87
C ASP C 18 15.27 38.36 -7.20
N PRO C 19 14.40 37.36 -7.18
CA PRO C 19 13.93 36.77 -8.43
C PRO C 19 12.90 37.66 -9.13
N ILE C 20 13.01 37.73 -10.46
CA ILE C 20 11.98 38.31 -11.31
C ILE C 20 11.02 37.19 -11.71
N ARG C 21 9.79 37.28 -11.27
CA ARG C 21 8.81 36.25 -11.59
C ARG C 21 7.91 36.68 -12.73
N LEU C 22 7.59 35.73 -13.60
CA LEU C 22 6.60 35.91 -14.66
C LEU C 22 5.45 34.97 -14.37
N ARG C 23 4.26 35.53 -14.12
CA ARG C 23 3.12 34.76 -13.66
C ARG C 23 1.83 35.26 -14.29
N HIS C 24 0.84 34.38 -14.31
CA HIS C 24 -0.56 34.77 -14.43
C HIS C 24 -1.19 34.65 -13.05
N LEU C 25 -1.94 35.69 -12.65
CA LEU C 25 -2.61 35.69 -11.36
C LEU C 25 -4.07 35.27 -11.56
N TYR C 26 -4.52 34.30 -10.76
CA TYR C 26 -5.80 33.64 -10.95
C TYR C 26 -6.54 33.61 -9.62
N THR C 27 -7.81 34.02 -9.63
CA THR C 27 -8.59 34.03 -8.40
C THR C 27 -9.99 33.47 -8.67
N SER C 28 -10.46 32.66 -7.73
CA SER C 28 -11.83 32.16 -7.76
C SER C 28 -12.61 32.55 -6.50
N GLY C 29 -11.98 33.23 -5.56
CA GLY C 29 -12.62 33.63 -4.33
C GLY C 29 -11.79 34.61 -3.52
N PRO C 30 -12.22 34.88 -2.27
CA PRO C 30 -13.44 34.33 -1.67
C PRO C 30 -14.71 35.00 -2.21
N HIS C 31 -15.88 34.41 -1.92
CA HIS C 31 -17.16 34.95 -2.36
C HIS C 31 -17.20 35.21 -3.86
N GLY C 32 -16.46 34.40 -4.62
CA GLY C 32 -16.37 34.61 -6.04
C GLY C 32 -17.40 33.81 -6.83
N LEU C 33 -17.68 34.32 -8.03
CA LEU C 33 -18.64 33.68 -8.94
C LEU C 33 -17.94 32.78 -9.95
N SER C 34 -17.09 33.36 -10.79
CA SER C 34 -16.33 32.64 -11.79
C SER C 34 -14.86 32.67 -11.43
N SER C 35 -14.06 31.94 -12.22
CA SER C 35 -12.61 31.99 -12.13
C SER C 35 -12.09 33.14 -12.97
N CYS C 36 -11.19 33.94 -12.40
CA CYS C 36 -10.71 35.15 -13.02
C CYS C 36 -9.19 35.17 -13.10
N PHE C 37 -8.68 35.56 -14.26
CA PHE C 37 -7.28 35.93 -14.43
C PHE C 37 -7.18 37.44 -14.46
N LEU C 38 -6.32 38.00 -13.61
CA LEU C 38 -6.12 39.44 -13.59
C LEU C 38 -5.53 39.90 -14.91
N ARG C 39 -6.27 40.71 -15.66
CA ARG C 39 -5.83 41.23 -16.95
C ARG C 39 -5.64 42.74 -16.85
N ILE C 40 -4.51 43.22 -17.37
CA ILE C 40 -4.22 44.64 -17.48
C ILE C 40 -4.28 44.99 -18.96
N ARG C 41 -5.37 45.63 -19.38
CA ARG C 41 -5.53 46.01 -20.77
C ARG C 41 -4.70 47.25 -21.09
N ALA C 42 -4.51 47.48 -22.40
CA ALA C 42 -3.70 48.61 -22.83
C ALA C 42 -4.30 49.95 -22.44
N ASP C 43 -5.63 50.01 -22.28
CA ASP C 43 -6.29 51.25 -21.89
C ASP C 43 -6.24 51.50 -20.39
N GLY C 44 -5.60 50.63 -19.61
CA GLY C 44 -5.46 50.81 -18.19
C GLY C 44 -6.50 50.08 -17.35
N VAL C 45 -7.57 49.58 -17.96
CA VAL C 45 -8.62 48.91 -17.20
C VAL C 45 -8.12 47.55 -16.74
N VAL C 46 -8.43 47.22 -15.48
CA VAL C 46 -8.12 45.93 -14.88
C VAL C 46 -9.43 45.19 -14.66
N ASP C 47 -9.58 44.03 -15.32
CA ASP C 47 -10.84 43.32 -15.31
C ASP C 47 -10.60 41.82 -15.24
N CYS C 48 -11.70 41.06 -15.21
CA CYS C 48 -11.64 39.61 -15.16
C CYS C 48 -11.47 39.03 -16.55
N ALA C 49 -10.49 38.16 -16.71
CA ALA C 49 -10.30 37.38 -17.93
C ALA C 49 -10.65 35.94 -17.63
N ARG C 50 -11.45 35.32 -18.52
CA ARG C 50 -11.87 33.95 -18.30
C ARG C 50 -10.74 32.94 -18.53
N GLY C 51 -9.68 33.34 -19.22
CA GLY C 51 -8.57 32.45 -19.47
C GLY C 51 -7.26 33.22 -19.54
N GLN C 52 -6.17 32.46 -19.68
CA GLN C 52 -4.85 33.06 -19.79
C GLN C 52 -4.70 33.75 -21.14
N SER C 53 -4.38 35.04 -21.12
CA SER C 53 -4.21 35.83 -22.31
C SER C 53 -2.92 36.63 -22.21
N ALA C 54 -2.59 37.35 -23.28
CA ALA C 54 -1.33 38.08 -23.32
C ALA C 54 -1.29 39.20 -22.30
N HIS C 55 -2.43 39.85 -22.05
CA HIS C 55 -2.50 40.97 -21.13
C HIS C 55 -2.75 40.55 -19.68
N SER C 56 -2.94 39.25 -19.43
CA SER C 56 -2.98 38.73 -18.07
C SER C 56 -1.63 38.22 -17.60
N LEU C 57 -0.60 38.34 -18.43
CA LEU C 57 0.75 37.92 -18.08
C LEU C 57 1.44 39.02 -17.30
N LEU C 58 1.82 38.73 -16.05
CA LEU C 58 2.32 39.74 -15.14
C LEU C 58 3.79 39.51 -14.82
N GLU C 59 4.52 40.60 -14.61
CA GLU C 59 5.89 40.57 -14.14
C GLU C 59 5.93 41.04 -12.70
N ILE C 60 6.58 40.27 -11.83
CA ILE C 60 6.56 40.49 -10.40
C ILE C 60 8.00 40.62 -9.91
N LYS C 61 8.34 41.80 -9.38
CA LYS C 61 9.64 42.03 -8.77
C LYS C 61 9.46 42.69 -7.41
N ALA C 62 10.41 42.41 -6.51
CA ALA C 62 10.40 43.00 -5.18
C ALA C 62 10.85 44.45 -5.23
N VAL C 63 10.20 45.28 -4.42
CA VAL C 63 10.64 46.64 -4.18
C VAL C 63 11.10 46.86 -2.74
N ALA C 64 10.65 46.02 -1.81
CA ALA C 64 11.22 45.96 -0.46
C ALA C 64 11.40 44.47 -0.16
N LEU C 65 11.46 44.12 1.13
CA LEU C 65 11.65 42.72 1.49
C LEU C 65 10.44 41.89 1.11
N ARG C 66 9.26 42.26 1.62
CA ARG C 66 8.03 41.55 1.32
C ARG C 66 7.09 42.35 0.43
N THR C 67 7.55 43.49 -0.10
CA THR C 67 6.72 44.36 -0.91
C THR C 67 7.00 44.12 -2.39
N VAL C 68 5.95 44.19 -3.20
CA VAL C 68 5.96 43.71 -4.57
C VAL C 68 5.38 44.79 -5.49
N ALA C 69 5.95 44.90 -6.69
CA ALA C 69 5.36 45.68 -7.78
C ALA C 69 4.97 44.72 -8.91
N ILE C 70 3.81 44.97 -9.51
CA ILE C 70 3.22 44.07 -10.51
C ILE C 70 3.00 44.86 -11.79
N LYS C 71 3.64 44.42 -12.88
CA LYS C 71 3.54 45.09 -14.16
C LYS C 71 3.12 44.10 -15.23
N GLY C 72 2.02 44.40 -15.92
CA GLY C 72 1.64 43.61 -17.09
C GLY C 72 2.65 43.82 -18.20
N VAL C 73 3.14 42.72 -18.76
CA VAL C 73 4.29 42.81 -19.67
C VAL C 73 3.88 43.39 -21.02
N HIS C 74 2.69 43.06 -21.50
CA HIS C 74 2.26 43.51 -22.82
C HIS C 74 1.60 44.87 -22.79
N SER C 75 0.99 45.25 -21.67
CA SER C 75 0.46 46.60 -21.51
C SER C 75 1.51 47.56 -20.97
N VAL C 76 2.63 47.05 -20.47
CA VAL C 76 3.68 47.79 -19.74
C VAL C 76 3.02 48.85 -18.85
N ARG C 77 1.99 48.43 -18.10
CA ARG C 77 1.36 49.26 -17.08
C ARG C 77 1.51 48.58 -15.73
N TYR C 78 1.88 49.35 -14.72
CA TYR C 78 1.96 48.81 -13.37
C TYR C 78 0.57 48.72 -12.75
N LEU C 79 0.39 47.69 -11.92
CA LEU C 79 -0.86 47.50 -11.21
C LEU C 79 -0.91 48.45 -10.01
N CYS C 80 -1.84 49.39 -10.03
CA CYS C 80 -1.93 50.42 -9.01
C CYS C 80 -3.34 50.49 -8.44
N MET C 81 -3.43 50.77 -7.15
CA MET C 81 -4.70 50.83 -6.44
C MET C 81 -5.11 52.28 -6.20
N GLY C 82 -6.39 52.57 -6.39
CA GLY C 82 -6.94 53.88 -6.16
C GLY C 82 -7.73 53.95 -4.86
N ALA C 83 -8.53 55.01 -4.75
CA ALA C 83 -9.37 55.18 -3.58
C ALA C 83 -10.44 54.08 -3.53
N ASP C 84 -10.72 53.60 -2.32
CA ASP C 84 -11.69 52.53 -2.07
C ASP C 84 -11.31 51.21 -2.73
N GLY C 85 -10.05 51.07 -3.16
CA GLY C 85 -9.56 49.80 -3.63
C GLY C 85 -9.72 49.53 -5.12
N LYS C 86 -9.97 50.55 -5.93
CA LYS C 86 -10.10 50.34 -7.36
C LYS C 86 -8.74 50.06 -7.98
N MET C 87 -8.68 49.05 -8.85
CA MET C 87 -7.45 48.64 -9.51
C MET C 87 -7.39 49.21 -10.92
N GLN C 88 -6.28 49.88 -11.22
CA GLN C 88 -6.06 50.46 -12.54
C GLN C 88 -4.62 50.20 -12.96
N GLY C 89 -4.38 50.28 -14.27
CA GLY C 89 -3.05 50.14 -14.82
C GLY C 89 -2.49 51.48 -15.24
N LEU C 90 -1.39 51.88 -14.60
CA LEU C 90 -0.73 53.14 -14.88
C LEU C 90 0.67 52.88 -15.43
N LEU C 91 1.07 53.68 -16.42
CA LEU C 91 2.38 53.53 -17.01
C LEU C 91 3.50 54.05 -16.11
N GLN C 92 3.18 54.94 -15.18
CA GLN C 92 4.18 55.49 -14.27
C GLN C 92 3.99 54.88 -12.88
N TYR C 93 5.04 54.23 -12.39
CA TYR C 93 4.99 53.60 -11.08
C TYR C 93 5.00 54.65 -9.98
N SER C 94 4.22 54.41 -8.93
CA SER C 94 4.26 55.20 -7.72
C SER C 94 4.19 54.25 -6.53
N GLU C 95 5.14 54.38 -5.60
CA GLU C 95 5.30 53.40 -4.55
C GLU C 95 4.05 53.28 -3.69
N GLU C 96 3.44 54.41 -3.31
CA GLU C 96 2.30 54.36 -2.40
C GLU C 96 1.07 53.73 -3.04
N ASP C 97 0.97 53.74 -4.37
CA ASP C 97 -0.21 53.22 -5.05
C ASP C 97 0.01 51.89 -5.75
N CYS C 98 1.25 51.55 -6.10
CA CYS C 98 1.52 50.38 -6.93
C CYS C 98 2.46 49.37 -6.27
N ALA C 99 2.81 49.56 -5.01
CA ALA C 99 3.61 48.60 -4.25
C ALA C 99 2.72 47.93 -3.21
N PHE C 100 2.80 46.61 -3.12
CA PHE C 100 1.96 45.83 -2.23
C PHE C 100 2.79 44.82 -1.46
N GLU C 101 2.43 44.63 -0.19
CA GLU C 101 3.02 43.55 0.60
C GLU C 101 2.44 42.23 0.15
N GLU C 102 3.30 41.35 -0.35
CA GLU C 102 2.87 40.01 -0.77
C GLU C 102 2.86 39.11 0.45
N GLU C 103 1.69 38.56 0.79
CA GLU C 103 1.52 37.70 1.94
C GLU C 103 0.93 36.38 1.50
N ILE C 104 1.68 35.30 1.70
CA ILE C 104 1.27 33.97 1.28
C ILE C 104 0.57 33.29 2.43
N ARG C 105 -0.69 32.89 2.21
CA ARG C 105 -1.50 32.31 3.26
C ARG C 105 -1.16 30.84 3.48
N PRO C 106 -1.43 30.31 4.67
CA PRO C 106 -1.15 28.88 4.92
C PRO C 106 -1.83 27.94 3.93
N ASP C 107 -2.97 28.32 3.37
CA ASP C 107 -3.66 27.47 2.41
C ASP C 107 -3.09 27.56 1.00
N GLY C 108 -2.11 28.44 0.76
CA GLY C 108 -1.43 28.52 -0.51
C GLY C 108 -1.82 29.66 -1.40
N TYR C 109 -2.84 30.44 -1.03
CA TYR C 109 -3.25 31.59 -1.83
C TYR C 109 -2.47 32.83 -1.42
N ASN C 110 -2.25 33.71 -2.40
CA ASN C 110 -1.47 34.91 -2.21
C ASN C 110 -2.38 36.13 -2.14
N VAL C 111 -2.17 36.97 -1.14
CA VAL C 111 -2.86 38.25 -0.99
C VAL C 111 -1.84 39.36 -1.14
N TYR C 112 -2.24 40.46 -1.75
CA TYR C 112 -1.38 41.62 -1.98
C TYR C 112 -2.00 42.83 -1.30
N ARG C 113 -1.57 43.11 -0.08
CA ARG C 113 -2.12 44.21 0.69
C ARG C 113 -1.47 45.53 0.29
N SER C 114 -2.29 46.57 0.19
CA SER C 114 -1.81 47.93 0.04
C SER C 114 -1.77 48.58 1.42
N GLU C 115 -0.62 49.15 1.78
CA GLU C 115 -0.50 49.77 3.09
C GLU C 115 -1.16 51.15 3.11
N LYS C 116 -1.01 51.91 2.02
CA LYS C 116 -1.63 53.24 1.97
C LYS C 116 -3.15 53.16 2.03
N HIS C 117 -3.75 52.33 1.18
CA HIS C 117 -5.20 52.23 1.09
C HIS C 117 -5.79 51.21 2.05
N ARG C 118 -4.95 50.41 2.71
CA ARG C 118 -5.40 49.41 3.69
C ARG C 118 -6.41 48.46 3.08
N LEU C 119 -6.17 48.04 1.85
CA LEU C 119 -7.08 47.16 1.13
C LEU C 119 -6.28 46.17 0.29
N PRO C 120 -6.81 44.97 0.11
CA PRO C 120 -6.13 43.98 -0.74
C PRO C 120 -6.47 44.20 -2.22
N VAL C 121 -5.53 43.77 -3.06
CA VAL C 121 -5.81 43.76 -4.50
C VAL C 121 -6.94 42.77 -4.76
N SER C 122 -7.92 43.20 -5.57
CA SER C 122 -9.07 42.36 -5.84
C SER C 122 -9.64 42.72 -7.20
N LEU C 123 -10.44 41.79 -7.74
CA LEU C 123 -11.20 42.03 -8.95
C LEU C 123 -12.68 42.24 -8.66
N SER C 124 -13.00 42.67 -7.45
CA SER C 124 -14.38 43.00 -7.10
C SER C 124 -14.82 44.27 -7.82
N SER C 125 -16.12 44.35 -8.07
CA SER C 125 -16.68 45.56 -8.67
C SER C 125 -16.69 46.68 -7.64
N ALA C 126 -17.03 47.88 -8.12
CA ALA C 126 -17.17 49.02 -7.20
C ALA C 126 -18.29 48.79 -6.20
N LYS C 127 -19.36 48.11 -6.62
CA LYS C 127 -20.46 47.82 -5.70
C LYS C 127 -20.03 46.78 -4.67
N GLN C 128 -19.24 45.78 -5.10
CA GLN C 128 -18.75 44.79 -4.15
C GLN C 128 -17.76 45.41 -3.17
N ARG C 129 -16.90 46.31 -3.65
CA ARG C 129 -15.92 46.94 -2.77
C ARG C 129 -16.58 47.82 -1.73
N GLN C 130 -17.74 48.40 -2.05
CA GLN C 130 -18.46 49.20 -1.06
C GLN C 130 -19.27 48.30 -0.12
N LEU C 131 -19.81 47.20 -0.64
CA LEU C 131 -20.56 46.27 0.19
C LEU C 131 -19.68 45.58 1.22
N TYR C 132 -18.39 45.43 0.93
CA TYR C 132 -17.48 44.68 1.78
C TYR C 132 -16.42 45.56 2.44
N LYS C 133 -16.57 46.89 2.34
CA LYS C 133 -15.51 47.80 2.79
C LYS C 133 -15.26 47.71 4.29
N ASN C 134 -16.19 47.16 5.06
CA ASN C 134 -16.04 47.05 6.51
C ASN C 134 -16.13 45.60 6.96
N ARG C 135 -15.81 44.66 6.07
CA ARG C 135 -15.87 43.23 6.39
C ARG C 135 -14.51 42.64 6.74
N GLY C 136 -13.42 43.33 6.42
CA GLY C 136 -12.10 42.80 6.62
C GLY C 136 -11.57 41.95 5.49
N PHE C 137 -12.32 41.84 4.39
CA PHE C 137 -11.88 41.08 3.22
C PHE C 137 -12.69 41.53 2.02
N LEU C 138 -12.07 41.42 0.85
CA LEU C 138 -12.74 41.69 -0.41
C LEU C 138 -12.89 40.41 -1.22
N PRO C 139 -13.97 40.27 -1.98
CA PRO C 139 -14.09 39.12 -2.89
C PRO C 139 -13.05 39.20 -4.00
N LEU C 140 -12.68 38.03 -4.50
CA LEU C 140 -11.72 37.89 -5.60
C LEU C 140 -10.37 38.54 -5.25
N SER C 141 -9.90 38.26 -4.03
CA SER C 141 -8.62 38.78 -3.56
C SER C 141 -7.62 37.69 -3.21
N HIS C 142 -8.00 36.42 -3.31
CA HIS C 142 -7.09 35.30 -3.04
C HIS C 142 -6.63 34.74 -4.38
N PHE C 143 -5.34 34.87 -4.67
CA PHE C 143 -4.80 34.57 -5.99
C PHE C 143 -3.89 33.35 -5.97
N LEU C 144 -3.97 32.55 -7.03
CA LEU C 144 -3.02 31.48 -7.29
C LEU C 144 -2.07 31.93 -8.38
N PRO C 145 -0.75 31.88 -8.17
CA PRO C 145 0.19 32.27 -9.24
C PRO C 145 0.45 31.10 -10.17
N MET C 146 0.10 31.27 -11.45
CA MET C 146 0.21 30.23 -12.45
C MET C 146 1.35 30.55 -13.42
N LEU C 147 2.04 29.50 -13.85
CA LEU C 147 3.06 29.67 -14.89
C LEU C 147 2.40 29.83 -16.25
N PRO C 148 3.03 30.58 -17.15
CA PRO C 148 2.50 30.69 -18.52
C PRO C 148 2.81 29.43 -19.32
N MET C 149 1.86 29.04 -20.16
CA MET C 149 2.05 27.95 -21.12
C MET C 149 2.45 28.56 -22.46
N VAL C 150 3.68 28.28 -22.88
CA VAL C 150 4.22 28.82 -24.12
C VAL C 150 3.36 28.41 -25.31
N GLY D 15 -17.14 11.10 7.52
CA GLY D 15 -16.86 10.96 8.93
C GLY D 15 -17.28 9.62 9.50
N TRP D 16 -16.30 8.86 9.99
CA TRP D 16 -16.55 7.54 10.56
C TRP D 16 -16.75 7.57 12.07
N GLY D 17 -17.01 8.75 12.65
CA GLY D 17 -17.23 8.83 14.08
C GLY D 17 -18.52 8.16 14.51
N ASP D 18 -19.59 8.36 13.73
CA ASP D 18 -20.88 7.77 14.00
C ASP D 18 -21.43 7.16 12.72
N PRO D 19 -22.29 6.15 12.83
CA PRO D 19 -22.86 5.54 11.62
C PRO D 19 -23.91 6.44 10.98
N ILE D 20 -23.86 6.52 9.67
CA ILE D 20 -24.90 7.17 8.87
C ILE D 20 -25.82 6.06 8.40
N ARG D 21 -27.07 6.06 8.89
CA ARG D 21 -28.00 4.96 8.67
C ARG D 21 -29.01 5.31 7.59
N LEU D 22 -29.38 4.31 6.80
CA LEU D 22 -30.45 4.42 5.81
C LEU D 22 -31.61 3.56 6.30
N ARG D 23 -32.75 4.18 6.56
CA ARG D 23 -33.85 3.50 7.20
C ARG D 23 -35.19 3.95 6.63
N HIS D 24 -36.17 3.05 6.71
CA HIS D 24 -37.58 3.42 6.71
C HIS D 24 -38.05 3.36 8.16
N LEU D 25 -38.77 4.39 8.58
CA LEU D 25 -39.33 4.44 9.93
C LEU D 25 -40.79 4.03 9.87
N TYR D 26 -41.16 3.08 10.73
CA TYR D 26 -42.45 2.40 10.63
C TYR D 26 -43.16 2.42 11.97
N THR D 27 -44.40 2.88 11.97
CA THR D 27 -45.24 2.84 13.16
C THR D 27 -46.58 2.21 12.80
N SER D 28 -47.15 1.49 13.76
CA SER D 28 -48.44 0.86 13.59
C SER D 28 -49.53 1.72 14.23
N GLY D 29 -50.75 1.55 13.74
CA GLY D 29 -51.88 2.34 14.21
C GLY D 29 -52.14 2.18 15.69
N PRO D 30 -53.05 2.98 16.24
CA PRO D 30 -53.39 2.85 17.66
C PRO D 30 -53.96 1.49 18.00
N HIS D 31 -54.41 0.73 17.00
CA HIS D 31 -54.97 -0.59 17.18
C HIS D 31 -54.00 -1.70 16.82
N GLY D 32 -52.77 -1.35 16.44
CA GLY D 32 -51.82 -2.34 15.99
C GLY D 32 -52.24 -3.09 14.76
N LEU D 33 -53.14 -2.52 13.96
CA LEU D 33 -53.73 -3.20 12.81
C LEU D 33 -53.30 -2.60 11.48
N SER D 34 -53.07 -1.30 11.41
CA SER D 34 -52.62 -0.65 10.19
C SER D 34 -51.14 -0.33 10.27
N SER D 35 -50.54 -0.15 9.09
CA SER D 35 -49.12 0.13 8.95
C SER D 35 -48.93 1.54 8.40
N CYS D 36 -48.04 2.31 9.03
CA CYS D 36 -47.77 3.68 8.62
C CYS D 36 -46.26 3.90 8.54
N PHE D 37 -45.78 4.27 7.37
CA PHE D 37 -44.38 4.61 7.16
C PHE D 37 -44.22 6.11 7.09
N LEU D 38 -43.24 6.65 7.81
CA LEU D 38 -42.97 8.08 7.78
C LEU D 38 -42.51 8.47 6.38
N ARG D 39 -43.31 9.28 5.69
CA ARG D 39 -42.99 9.72 4.33
C ARG D 39 -42.82 11.23 4.31
N ILE D 40 -41.75 11.68 3.68
CA ILE D 40 -41.49 13.10 3.48
C ILE D 40 -41.68 13.38 2.00
N ARG D 41 -42.81 14.00 1.65
CA ARG D 41 -43.11 14.26 0.25
C ARG D 41 -42.27 15.42 -0.27
N ALA D 42 -42.24 15.55 -1.60
CA ALA D 42 -41.46 16.61 -2.23
C ALA D 42 -42.00 18.00 -1.89
N ASP D 43 -43.30 18.11 -1.64
CA ASP D 43 -43.90 19.39 -1.29
C ASP D 43 -43.72 19.77 0.17
N GLY D 44 -43.12 18.90 0.97
CA GLY D 44 -42.84 19.19 2.37
C GLY D 44 -43.81 18.55 3.35
N VAL D 45 -44.93 18.02 2.88
CA VAL D 45 -45.89 17.39 3.79
C VAL D 45 -45.33 16.05 4.26
N VAL D 46 -45.50 15.78 5.56
CA VAL D 46 -45.10 14.51 6.16
C VAL D 46 -46.36 13.77 6.57
N ASP D 47 -46.57 12.59 5.97
CA ASP D 47 -47.79 11.82 6.19
C ASP D 47 -47.46 10.34 6.26
N CYS D 48 -48.51 9.54 6.44
CA CYS D 48 -48.38 8.09 6.52
C CYS D 48 -48.44 7.47 5.13
N ALA D 49 -47.48 6.60 4.83
CA ALA D 49 -47.49 5.79 3.63
C ALA D 49 -47.78 4.35 4.02
N ARG D 50 -48.52 3.64 3.16
CA ARG D 50 -48.93 2.28 3.49
C ARG D 50 -47.76 1.30 3.40
N GLY D 51 -46.74 1.61 2.62
CA GLY D 51 -45.60 0.73 2.46
C GLY D 51 -44.33 1.51 2.25
N GLN D 52 -43.23 0.78 2.10
CA GLN D 52 -41.94 1.38 1.82
C GLN D 52 -41.94 1.98 0.42
N SER D 53 -41.65 3.28 0.33
CA SER D 53 -41.62 3.97 -0.94
C SER D 53 -40.39 4.85 -0.99
N ALA D 54 -40.15 5.44 -2.17
CA ALA D 54 -38.95 6.26 -2.36
C ALA D 54 -38.94 7.45 -1.41
N HIS D 55 -40.11 8.03 -1.14
CA HIS D 55 -40.20 9.22 -0.30
C HIS D 55 -40.29 8.91 1.18
N SER D 56 -40.34 7.63 1.55
CA SER D 56 -40.23 7.23 2.95
C SER D 56 -38.82 6.79 3.31
N LEU D 57 -37.89 6.83 2.36
CA LEU D 57 -36.51 6.42 2.60
C LEU D 57 -35.76 7.55 3.30
N LEU D 58 -35.27 7.27 4.50
CA LEU D 58 -34.69 8.30 5.36
C LEU D 58 -33.22 8.01 5.60
N GLU D 59 -32.42 9.08 5.68
CA GLU D 59 -31.05 9.01 6.14
C GLU D 59 -30.98 9.60 7.54
N ILE D 60 -30.38 8.85 8.47
CA ILE D 60 -30.35 9.23 9.87
C ILE D 60 -28.89 9.46 10.27
N LYS D 61 -28.55 10.70 10.59
CA LYS D 61 -27.22 11.09 11.02
C LYS D 61 -27.24 11.53 12.47
N ALA D 62 -26.11 11.34 13.14
CA ALA D 62 -25.92 11.89 14.48
C ALA D 62 -25.49 13.35 14.37
N VAL D 63 -26.07 14.19 15.23
CA VAL D 63 -25.65 15.57 15.35
C VAL D 63 -25.10 15.91 16.72
N ALA D 64 -25.42 15.13 17.75
CA ALA D 64 -24.84 15.26 19.08
C ALA D 64 -24.95 13.90 19.76
N LEU D 65 -24.72 13.88 21.07
CA LEU D 65 -24.89 12.65 21.83
C LEU D 65 -26.38 12.33 21.96
N ARG D 66 -26.77 11.14 21.49
CA ARG D 66 -28.15 10.67 21.48
C ARG D 66 -29.07 11.50 20.58
N THR D 67 -28.53 12.48 19.86
CA THR D 67 -29.32 13.39 19.06
C THR D 67 -29.10 13.12 17.57
N VAL D 68 -30.20 13.09 16.82
CA VAL D 68 -30.15 12.73 15.41
C VAL D 68 -30.90 13.75 14.57
N ALA D 69 -30.53 13.81 13.29
CA ALA D 69 -31.26 14.56 12.27
C ALA D 69 -31.73 13.57 11.21
N ILE D 70 -32.97 13.76 10.75
CA ILE D 70 -33.61 12.84 9.82
C ILE D 70 -33.90 13.58 8.53
N LYS D 71 -33.37 13.07 7.42
CA LYS D 71 -33.49 13.71 6.12
C LYS D 71 -34.09 12.74 5.13
N GLY D 72 -35.19 13.14 4.50
CA GLY D 72 -35.76 12.34 3.42
C GLY D 72 -34.82 12.31 2.23
N VAL D 73 -34.47 11.11 1.78
CA VAL D 73 -33.39 10.96 0.80
C VAL D 73 -33.80 11.54 -0.55
N HIS D 74 -35.01 11.22 -1.00
CA HIS D 74 -35.43 11.62 -2.34
C HIS D 74 -36.07 13.00 -2.39
N SER D 75 -36.62 13.48 -1.28
CA SER D 75 -37.12 14.85 -1.22
C SER D 75 -36.04 15.85 -0.83
N VAL D 76 -34.93 15.38 -0.26
CA VAL D 76 -33.83 16.22 0.22
C VAL D 76 -34.37 17.24 1.22
N ARG D 77 -35.36 16.83 2.01
CA ARG D 77 -35.94 17.67 3.04
C ARG D 77 -35.67 17.06 4.40
N TYR D 78 -35.23 17.89 5.35
CA TYR D 78 -35.03 17.43 6.71
C TYR D 78 -36.35 17.38 7.45
N LEU D 79 -36.46 16.44 8.39
CA LEU D 79 -37.66 16.27 9.18
C LEU D 79 -37.63 17.26 10.34
N CYS D 80 -38.58 18.19 10.36
CA CYS D 80 -38.59 19.28 11.33
C CYS D 80 -39.96 19.37 12.00
N MET D 81 -39.94 19.70 13.29
CA MET D 81 -41.15 19.82 14.08
C MET D 81 -41.48 21.30 14.31
N GLY D 82 -42.77 21.63 14.19
CA GLY D 82 -43.25 22.96 14.47
C GLY D 82 -43.88 23.06 15.85
N ALA D 83 -44.58 24.16 16.06
CA ALA D 83 -45.32 24.36 17.31
C ALA D 83 -46.45 23.34 17.39
N ASP D 84 -46.71 22.88 18.62
CA ASP D 84 -47.74 21.87 18.91
C ASP D 84 -47.46 20.53 18.24
N GLY D 85 -46.23 20.32 17.76
CA GLY D 85 -45.81 19.00 17.31
C GLY D 85 -46.08 18.66 15.87
N LYS D 86 -46.39 19.65 15.02
CA LYS D 86 -46.58 19.36 13.60
C LYS D 86 -45.25 19.07 12.93
N MET D 87 -45.24 18.03 12.09
CA MET D 87 -44.05 17.62 11.36
C MET D 87 -44.13 18.11 9.92
N GLN D 88 -43.04 18.71 9.44
CA GLN D 88 -42.94 19.13 8.05
C GLN D 88 -41.55 18.77 7.53
N GLY D 89 -41.42 18.80 6.20
CA GLY D 89 -40.15 18.58 5.54
C GLY D 89 -39.62 19.89 5.00
N LEU D 90 -38.47 20.30 5.51
CA LEU D 90 -37.82 21.55 5.11
C LEU D 90 -36.52 21.26 4.38
N LEU D 91 -36.27 21.99 3.29
CA LEU D 91 -35.00 21.87 2.59
C LEU D 91 -33.82 22.39 3.41
N GLN D 92 -34.10 23.21 4.43
CA GLN D 92 -33.05 23.81 5.26
C GLN D 92 -33.11 23.23 6.66
N TYR D 93 -32.00 22.67 7.11
CA TYR D 93 -31.90 22.12 8.45
C TYR D 93 -31.82 23.25 9.48
N SER D 94 -32.47 23.03 10.62
CA SER D 94 -32.35 23.92 11.77
C SER D 94 -32.28 23.05 13.02
N GLU D 95 -31.25 23.25 13.83
CA GLU D 95 -30.94 22.32 14.91
C GLU D 95 -32.10 22.22 15.90
N GLU D 96 -32.63 23.36 16.35
CA GLU D 96 -33.63 23.33 17.39
C GLU D 96 -34.99 22.81 16.90
N ASP D 97 -35.20 22.80 15.58
CA ASP D 97 -36.47 22.33 15.02
C ASP D 97 -36.38 20.95 14.39
N CYS D 98 -35.19 20.53 13.95
CA CYS D 98 -35.04 19.30 13.18
C CYS D 98 -34.08 18.30 13.80
N ALA D 99 -33.62 18.54 15.03
CA ALA D 99 -32.81 17.57 15.76
C ALA D 99 -33.62 16.97 16.90
N PHE D 100 -33.45 15.67 17.10
CA PHE D 100 -34.26 14.95 18.08
C PHE D 100 -33.39 13.99 18.88
N GLU D 101 -33.70 13.84 20.16
CA GLU D 101 -33.05 12.84 20.99
C GLU D 101 -33.65 11.47 20.67
N GLU D 102 -32.80 10.55 20.22
CA GLU D 102 -33.24 9.20 19.90
C GLU D 102 -33.23 8.37 21.18
N GLU D 103 -34.40 7.86 21.56
CA GLU D 103 -34.54 7.06 22.78
C GLU D 103 -35.08 5.68 22.39
N ILE D 104 -34.31 4.65 22.71
CA ILE D 104 -34.66 3.27 22.38
C ILE D 104 -35.34 2.65 23.59
N ARG D 105 -36.57 2.19 23.42
CA ARG D 105 -37.36 1.65 24.52
C ARG D 105 -37.03 0.18 24.76
N PRO D 106 -37.29 -0.31 25.97
CA PRO D 106 -37.08 -1.75 26.23
C PRO D 106 -37.83 -2.66 25.29
N ASP D 107 -38.99 -2.25 24.79
CA ASP D 107 -39.77 -3.07 23.88
C ASP D 107 -39.25 -3.03 22.44
N GLY D 108 -38.19 -2.26 22.16
CA GLY D 108 -37.58 -2.22 20.86
C GLY D 108 -38.03 -1.07 19.98
N TYR D 109 -39.00 -0.27 20.41
CA TYR D 109 -39.46 0.87 19.62
C TYR D 109 -38.62 2.10 19.92
N ASN D 110 -38.44 2.93 18.90
CA ASN D 110 -37.65 4.15 19.00
C ASN D 110 -38.57 5.36 19.10
N VAL D 111 -38.27 6.25 20.02
CA VAL D 111 -38.95 7.54 20.16
C VAL D 111 -37.95 8.64 19.85
N TYR D 112 -38.40 9.66 19.14
CA TYR D 112 -37.56 10.80 18.77
C TYR D 112 -38.15 12.05 19.41
N ARG D 113 -37.57 12.47 20.53
CA ARG D 113 -38.08 13.59 21.30
C ARG D 113 -37.47 14.89 20.83
N SER D 114 -38.29 15.94 20.77
CA SER D 114 -37.80 17.28 20.49
C SER D 114 -37.52 18.00 21.81
N GLU D 115 -36.33 18.58 21.93
CA GLU D 115 -35.98 19.33 23.13
C GLU D 115 -36.77 20.63 23.21
N LYS D 116 -36.83 21.37 22.10
CA LYS D 116 -37.49 22.67 22.11
C LYS D 116 -38.99 22.56 22.30
N HIS D 117 -39.64 21.68 21.54
CA HIS D 117 -41.09 21.58 21.56
C HIS D 117 -41.61 20.61 22.62
N ARG D 118 -40.72 19.91 23.33
CA ARG D 118 -41.10 19.00 24.41
C ARG D 118 -42.12 17.96 23.96
N LEU D 119 -42.04 17.52 22.71
CA LEU D 119 -42.98 16.56 22.16
C LEU D 119 -42.24 15.57 21.28
N PRO D 120 -42.73 14.33 21.19
CA PRO D 120 -42.09 13.35 20.32
C PRO D 120 -42.54 13.50 18.88
N VAL D 121 -41.68 13.03 17.97
CA VAL D 121 -42.07 12.94 16.57
C VAL D 121 -43.23 11.97 16.44
N SER D 122 -44.26 12.39 15.72
CA SER D 122 -45.42 11.54 15.54
C SER D 122 -46.08 11.88 14.21
N LEU D 123 -46.94 10.96 13.75
CA LEU D 123 -47.76 11.17 12.57
C LEU D 123 -49.22 11.32 12.95
N SER D 124 -49.47 11.79 14.18
CA SER D 124 -50.83 12.12 14.61
C SER D 124 -51.34 13.34 13.85
N SER D 125 -52.66 13.39 13.69
CA SER D 125 -53.28 14.56 13.09
C SER D 125 -53.29 15.71 14.08
N ALA D 126 -53.72 16.88 13.60
CA ALA D 126 -53.88 18.02 14.49
C ALA D 126 -54.91 17.73 15.58
N LYS D 127 -55.98 17.02 15.23
CA LYS D 127 -56.98 16.63 16.22
C LYS D 127 -56.39 15.67 17.24
N GLN D 128 -55.56 14.73 16.79
CA GLN D 128 -54.99 13.73 17.70
C GLN D 128 -54.01 14.37 18.68
N ARG D 129 -53.17 15.29 18.19
CA ARG D 129 -52.19 15.94 19.07
C ARG D 129 -52.86 16.87 20.07
N GLN D 130 -54.02 17.44 19.72
CA GLN D 130 -54.77 18.22 20.70
C GLN D 130 -55.51 17.31 21.67
N LEU D 131 -56.04 16.19 21.18
CA LEU D 131 -56.77 15.26 22.05
C LEU D 131 -55.86 14.62 23.08
N TYR D 132 -54.61 14.34 22.72
CA TYR D 132 -53.68 13.62 23.59
C TYR D 132 -52.63 14.54 24.22
N LYS D 133 -52.85 15.85 24.18
CA LYS D 133 -51.81 16.80 24.58
C LYS D 133 -51.42 16.65 26.04
N ASN D 134 -52.37 16.31 26.91
CA ASN D 134 -52.11 16.26 28.35
C ASN D 134 -52.09 14.82 28.89
N ARG D 135 -51.79 13.84 28.04
CA ARG D 135 -51.78 12.45 28.45
C ARG D 135 -50.39 11.86 28.56
N GLY D 136 -49.35 12.57 28.12
CA GLY D 136 -48.00 12.09 28.24
C GLY D 136 -47.51 11.21 27.11
N PHE D 137 -48.29 11.08 26.04
CA PHE D 137 -47.88 10.29 24.89
C PHE D 137 -48.71 10.71 23.68
N LEU D 138 -48.18 10.44 22.50
CA LEU D 138 -48.88 10.71 21.26
C LEU D 138 -49.06 9.43 20.46
N PRO D 139 -50.17 9.29 19.74
CA PRO D 139 -50.30 8.17 18.80
C PRO D 139 -49.30 8.30 17.66
N LEU D 140 -48.94 7.14 17.09
CA LEU D 140 -48.05 7.08 15.94
C LEU D 140 -46.70 7.75 16.21
N SER D 141 -46.16 7.51 17.40
CA SER D 141 -44.86 8.06 17.77
C SER D 141 -43.83 6.99 18.12
N HIS D 142 -44.23 5.72 18.17
CA HIS D 142 -43.32 4.61 18.43
C HIS D 142 -42.95 3.95 17.11
N PHE D 143 -41.67 4.03 16.74
CA PHE D 143 -41.22 3.66 15.41
C PHE D 143 -40.31 2.43 15.46
N LEU D 144 -40.42 1.60 14.42
CA LEU D 144 -39.52 0.49 14.16
C LEU D 144 -38.68 0.80 12.93
N PRO D 145 -37.36 0.67 13.01
CA PRO D 145 -36.51 0.96 11.84
C PRO D 145 -36.41 -0.26 10.92
N MET D 146 -36.78 -0.08 9.66
CA MET D 146 -36.76 -1.13 8.67
C MET D 146 -35.65 -0.89 7.65
N LEU D 147 -35.07 -1.97 7.15
CA LEU D 147 -34.01 -1.86 6.15
C LEU D 147 -34.62 -1.65 4.76
N PRO D 148 -33.94 -0.88 3.91
CA PRO D 148 -34.46 -0.63 2.56
C PRO D 148 -34.22 -1.81 1.63
N MET D 149 -35.06 -1.88 0.60
CA MET D 149 -34.86 -2.80 -0.51
C MET D 149 -34.08 -2.08 -1.60
N VAL D 150 -33.02 -2.72 -2.09
CA VAL D 150 -32.10 -2.11 -3.06
C VAL D 150 -32.83 -1.50 -4.25
N GLU E 1 -30.40 -9.24 -7.48
CA GLU E 1 -29.72 -8.47 -8.51
C GLU E 1 -28.34 -8.02 -8.05
N VAL E 2 -28.14 -7.98 -6.73
CA VAL E 2 -26.90 -7.50 -6.14
C VAL E 2 -25.90 -8.64 -6.07
N GLN E 3 -24.71 -8.42 -6.61
CA GLN E 3 -23.67 -9.44 -6.62
C GLN E 3 -22.31 -8.79 -6.44
N LEU E 4 -21.43 -9.50 -5.75
CA LEU E 4 -20.07 -9.04 -5.48
C LEU E 4 -19.11 -10.17 -5.86
N LEU E 5 -18.30 -9.93 -6.88
CA LEU E 5 -17.42 -10.94 -7.46
C LEU E 5 -15.98 -10.64 -7.06
N GLU E 6 -15.46 -11.40 -6.10
CA GLU E 6 -14.09 -11.20 -5.64
C GLU E 6 -13.10 -11.93 -6.53
N THR E 7 -12.00 -11.24 -6.87
CA THR E 7 -10.97 -11.81 -7.71
C THR E 7 -9.60 -11.46 -7.12
N GLY E 8 -8.57 -12.11 -7.66
CA GLY E 8 -7.26 -12.06 -7.06
C GLY E 8 -7.09 -13.19 -6.07
N GLY E 9 -6.03 -13.11 -5.27
CA GLY E 9 -5.84 -14.07 -4.21
C GLY E 9 -5.28 -15.41 -4.64
N GLY E 10 -4.51 -16.02 -3.76
CA GLY E 10 -3.86 -17.29 -4.04
C GLY E 10 -2.75 -17.53 -3.03
N LEU E 11 -1.74 -18.28 -3.47
CA LEU E 11 -0.57 -18.55 -2.64
C LEU E 11 0.44 -17.43 -2.80
N VAL E 12 0.99 -16.97 -1.68
CA VAL E 12 1.99 -15.91 -1.67
C VAL E 12 2.88 -16.11 -0.46
N GLN E 13 4.12 -15.62 -0.55
CA GLN E 13 5.19 -15.71 0.42
C GLN E 13 5.06 -14.61 1.46
N PRO E 14 5.46 -14.87 2.71
CA PRO E 14 5.62 -13.78 3.67
C PRO E 14 6.51 -12.67 3.13
N GLY E 15 6.06 -11.44 3.32
CA GLY E 15 6.69 -10.28 2.72
C GLY E 15 6.19 -9.93 1.34
N GLY E 16 5.37 -10.78 0.74
CA GLY E 16 4.90 -10.55 -0.61
C GLY E 16 3.85 -9.46 -0.70
N SER E 17 3.19 -9.44 -1.85
CA SER E 17 2.18 -8.42 -2.15
C SER E 17 1.11 -9.04 -3.04
N LEU E 18 -0.10 -8.49 -2.95
CA LEU E 18 -1.24 -9.02 -3.68
C LEU E 18 -2.35 -7.97 -3.70
N ARG E 19 -3.13 -7.97 -4.77
CA ARG E 19 -4.19 -7.00 -4.98
C ARG E 19 -5.49 -7.74 -5.26
N LEU E 20 -6.51 -7.47 -4.45
CA LEU E 20 -7.82 -8.10 -4.61
C LEU E 20 -8.77 -7.14 -5.30
N SER E 21 -9.69 -7.70 -6.09
CA SER E 21 -10.71 -6.93 -6.78
C SER E 21 -12.08 -7.52 -6.47
N CYS E 22 -13.08 -6.65 -6.43
CA CYS E 22 -14.46 -7.06 -6.18
C CYS E 22 -15.35 -6.37 -7.21
N ALA E 23 -15.94 -7.16 -8.11
CA ALA E 23 -16.80 -6.63 -9.16
C ALA E 23 -18.22 -6.55 -8.64
N ALA E 24 -18.69 -5.33 -8.37
CA ALA E 24 -20.02 -5.11 -7.83
C ALA E 24 -21.00 -4.79 -8.95
N SER E 25 -22.17 -5.44 -8.91
CA SER E 25 -23.20 -5.24 -9.92
C SER E 25 -24.56 -5.36 -9.28
N GLY E 26 -25.51 -4.59 -9.78
CA GLY E 26 -26.89 -4.66 -9.34
C GLY E 26 -27.36 -3.55 -8.44
N PHE E 27 -26.55 -2.51 -8.21
CA PHE E 27 -26.93 -1.41 -7.35
C PHE E 27 -26.04 -0.22 -7.66
N THR E 28 -26.47 0.96 -7.23
CA THR E 28 -25.68 2.17 -7.42
C THR E 28 -24.42 2.10 -6.56
N PHE E 29 -23.37 1.49 -7.11
CA PHE E 29 -22.16 1.18 -6.35
C PHE E 29 -21.58 2.43 -5.69
N SER E 30 -21.63 3.57 -6.37
CA SER E 30 -21.02 4.79 -5.84
C SER E 30 -21.77 5.35 -4.64
N SER E 31 -23.00 4.91 -4.38
CA SER E 31 -23.81 5.48 -3.32
C SER E 31 -23.60 4.83 -1.96
N TYR E 32 -23.04 3.63 -1.92
CA TYR E 32 -22.88 2.88 -0.69
C TYR E 32 -21.40 2.73 -0.33
N ALA E 33 -21.13 2.71 0.97
CA ALA E 33 -19.81 2.34 1.43
C ALA E 33 -19.58 0.85 1.20
N MET E 34 -18.31 0.45 1.25
CA MET E 34 -17.95 -0.95 1.07
C MET E 34 -16.93 -1.34 2.12
N SER E 35 -16.79 -2.65 2.34
CA SER E 35 -15.86 -3.15 3.34
C SER E 35 -15.24 -4.45 2.86
N TRP E 36 -14.09 -4.77 3.44
CA TRP E 36 -13.48 -6.09 3.34
C TRP E 36 -13.53 -6.75 4.71
N VAL E 37 -14.07 -7.96 4.75
CA VAL E 37 -14.10 -8.77 5.97
C VAL E 37 -13.38 -10.08 5.66
N ARG E 38 -12.46 -10.47 6.52
CA ARG E 38 -11.66 -11.66 6.29
C ARG E 38 -11.91 -12.67 7.39
N GLN E 39 -11.61 -13.93 7.08
CA GLN E 39 -11.83 -15.04 8.02
C GLN E 39 -10.71 -16.05 7.84
N ALA E 40 -9.84 -16.17 8.83
CA ALA E 40 -8.81 -17.20 8.81
C ALA E 40 -9.48 -18.57 8.79
N PRO E 41 -8.86 -19.55 8.13
CA PRO E 41 -9.50 -20.87 8.01
C PRO E 41 -9.83 -21.46 9.38
N GLY E 42 -11.09 -21.87 9.54
CA GLY E 42 -11.57 -22.43 10.79
C GLY E 42 -11.68 -21.46 11.94
N LYS E 43 -11.60 -20.15 11.68
CA LYS E 43 -11.63 -19.15 12.74
C LYS E 43 -12.76 -18.16 12.49
N GLY E 44 -12.75 -17.07 13.27
CA GLY E 44 -13.85 -16.12 13.26
C GLY E 44 -13.68 -15.01 12.25
N LEU E 45 -14.69 -14.14 12.21
CA LEU E 45 -14.70 -13.00 11.30
C LEU E 45 -13.88 -11.85 11.88
N GLU E 46 -13.23 -11.10 10.99
CA GLU E 46 -12.46 -9.92 11.37
C GLU E 46 -12.65 -8.87 10.29
N TRP E 47 -13.15 -7.70 10.69
CA TRP E 47 -13.31 -6.60 9.75
C TRP E 47 -11.94 -6.02 9.40
N VAL E 48 -11.70 -5.82 8.10
CA VAL E 48 -10.39 -5.39 7.63
C VAL E 48 -10.38 -3.88 7.40
N SER E 49 -11.20 -3.41 6.47
CA SER E 49 -11.18 -2.00 6.12
C SER E 49 -12.48 -1.63 5.44
N ALA E 50 -12.80 -0.33 5.47
CA ALA E 50 -13.98 0.23 4.84
C ALA E 50 -13.61 1.49 4.08
N ILE E 51 -14.38 1.79 3.05
CA ILE E 51 -14.20 2.99 2.23
C ILE E 51 -15.57 3.60 1.96
N SER E 52 -15.64 4.93 2.01
CA SER E 52 -16.91 5.61 1.79
C SER E 52 -17.35 5.48 0.34
N GLY E 53 -18.60 5.84 0.09
CA GLY E 53 -19.17 5.66 -1.24
C GLY E 53 -18.44 6.42 -2.32
N SER E 54 -17.87 7.58 -1.98
CA SER E 54 -17.11 8.36 -2.94
C SER E 54 -15.63 7.99 -2.98
N GLY E 55 -15.10 7.40 -1.89
CA GLY E 55 -13.71 7.04 -1.81
C GLY E 55 -12.84 8.03 -1.06
N GLY E 56 -13.41 9.13 -0.58
CA GLY E 56 -12.60 10.16 0.07
C GLY E 56 -12.11 9.81 1.46
N SER E 57 -12.84 8.96 2.17
CA SER E 57 -12.50 8.57 3.53
C SER E 57 -12.32 7.06 3.61
N THR E 58 -11.27 6.63 4.30
CA THR E 58 -10.96 5.22 4.45
C THR E 58 -10.80 4.89 5.93
N TYR E 59 -11.17 3.65 6.27
CA TYR E 59 -11.19 3.16 7.64
C TYR E 59 -10.52 1.79 7.65
N TYR E 60 -9.55 1.61 8.54
CA TYR E 60 -8.77 0.37 8.61
C TYR E 60 -8.72 -0.16 10.03
N ALA E 61 -8.64 -1.47 10.16
CA ALA E 61 -8.35 -2.09 11.43
C ALA E 61 -6.87 -1.95 11.76
N ASP E 62 -6.56 -2.01 13.06
CA ASP E 62 -5.18 -1.81 13.51
C ASP E 62 -4.25 -2.89 12.95
N SER E 63 -4.76 -4.11 12.77
CA SER E 63 -3.91 -5.22 12.33
C SER E 63 -3.44 -5.08 10.89
N VAL E 64 -4.05 -4.19 10.10
CA VAL E 64 -3.65 -4.00 8.71
C VAL E 64 -3.33 -2.54 8.38
N LYS E 65 -3.42 -1.64 9.36
CA LYS E 65 -3.14 -0.23 9.11
C LYS E 65 -1.66 -0.03 8.80
N GLY E 66 -1.37 0.61 7.68
CA GLY E 66 -0.02 0.79 7.20
C GLY E 66 0.45 -0.26 6.21
N ARG E 67 -0.20 -1.42 6.17
CA ARG E 67 0.14 -2.49 5.25
C ARG E 67 -0.84 -2.62 4.10
N PHE E 68 -2.13 -2.40 4.34
CA PHE E 68 -3.17 -2.54 3.33
C PHE E 68 -3.64 -1.17 2.88
N THR E 69 -4.12 -1.10 1.64
CA THR E 69 -4.70 0.12 1.08
C THR E 69 -5.99 -0.24 0.38
N ILE E 70 -7.10 0.28 0.86
CA ILE E 70 -8.40 0.06 0.25
C ILE E 70 -8.68 1.19 -0.73
N SER E 71 -9.30 0.86 -1.85
CA SER E 71 -9.61 1.85 -2.88
C SER E 71 -10.73 1.32 -3.75
N ARG E 72 -11.38 2.23 -4.47
CA ARG E 72 -12.49 1.87 -5.33
C ARG E 72 -12.42 2.67 -6.62
N ASP E 73 -13.12 2.18 -7.63
CA ASP E 73 -13.27 2.87 -8.92
C ASP E 73 -14.74 2.80 -9.29
N ASN E 74 -15.47 3.89 -9.07
CA ASN E 74 -16.91 3.90 -9.28
C ASN E 74 -17.29 3.82 -10.76
N SER E 75 -16.36 4.16 -11.66
CA SER E 75 -16.67 4.13 -13.09
C SER E 75 -16.90 2.70 -13.56
N LYS E 76 -16.03 1.77 -13.18
CA LYS E 76 -16.19 0.36 -13.52
C LYS E 76 -16.69 -0.48 -12.37
N ASN E 77 -17.16 0.14 -11.29
CA ASN E 77 -17.82 -0.54 -10.17
C ASN E 77 -16.96 -1.68 -9.61
N THR E 78 -15.78 -1.32 -9.12
CA THR E 78 -14.84 -2.29 -8.60
C THR E 78 -14.25 -1.79 -7.29
N LEU E 79 -14.15 -2.69 -6.32
CA LEU E 79 -13.51 -2.41 -5.04
C LEU E 79 -12.18 -3.13 -4.99
N TYR E 80 -11.17 -2.48 -4.42
CA TYR E 80 -9.81 -3.01 -4.39
C TYR E 80 -9.30 -3.09 -2.96
N LEU E 81 -8.44 -4.08 -2.72
CA LEU E 81 -7.67 -4.18 -1.49
C LEU E 81 -6.24 -4.49 -1.86
N GLN E 82 -5.35 -3.51 -1.72
CA GLN E 82 -3.94 -3.67 -2.02
C GLN E 82 -3.22 -4.15 -0.75
N MET E 83 -2.84 -5.42 -0.74
CA MET E 83 -2.25 -6.05 0.44
C MET E 83 -0.73 -6.11 0.27
N ASN E 84 -0.01 -5.45 1.17
CA ASN E 84 1.44 -5.42 1.16
C ASN E 84 1.98 -5.92 2.49
N SER E 85 3.26 -6.27 2.50
CA SER E 85 3.95 -6.76 3.69
C SER E 85 3.19 -7.94 4.32
N LEU E 86 2.69 -8.83 3.45
CA LEU E 86 1.85 -9.92 3.91
C LEU E 86 2.62 -10.84 4.86
N ARG E 87 1.95 -11.25 5.93
CA ARG E 87 2.47 -12.22 6.88
C ARG E 87 1.57 -13.45 6.89
N ALA E 88 2.03 -14.48 7.60
CA ALA E 88 1.24 -15.72 7.67
C ALA E 88 -0.10 -15.48 8.35
N GLU E 89 -0.16 -14.56 9.30
CA GLU E 89 -1.42 -14.27 10.01
C GLU E 89 -2.48 -13.67 9.12
N ASP E 90 -2.13 -13.20 7.93
CA ASP E 90 -3.11 -12.66 6.99
C ASP E 90 -3.77 -13.75 6.14
N THR E 91 -3.45 -15.02 6.40
CA THR E 91 -4.08 -16.11 5.66
C THR E 91 -5.55 -16.19 6.03
N ALA E 92 -6.42 -15.98 5.04
CA ALA E 92 -7.85 -15.87 5.30
C ALA E 92 -8.60 -15.85 3.99
N VAL E 93 -9.88 -16.22 4.06
CA VAL E 93 -10.83 -15.90 2.99
C VAL E 93 -11.22 -14.44 3.16
N TYR E 94 -11.13 -13.68 2.07
CA TYR E 94 -11.40 -12.25 2.10
C TYR E 94 -12.74 -11.97 1.42
N TYR E 95 -13.68 -11.43 2.19
CA TYR E 95 -15.04 -11.19 1.71
C TYR E 95 -15.21 -9.74 1.30
N CYS E 96 -15.95 -9.54 0.21
CA CYS E 96 -16.36 -8.21 -0.22
C CYS E 96 -17.78 -7.98 0.27
N ALA E 97 -17.97 -6.95 1.09
CA ALA E 97 -19.23 -6.70 1.76
C ALA E 97 -19.75 -5.31 1.44
N LYS E 98 -21.02 -5.23 1.06
CA LYS E 98 -21.66 -3.95 0.78
C LYS E 98 -22.28 -3.39 2.04
N ASP E 99 -22.03 -2.11 2.30
CA ASP E 99 -22.62 -1.42 3.44
C ASP E 99 -24.07 -1.05 3.12
N ASN E 100 -24.93 -1.13 4.14
CA ASN E 100 -26.29 -0.64 3.96
C ASN E 100 -26.30 0.84 3.62
N TRP E 101 -25.40 1.61 4.25
CA TRP E 101 -25.17 3.00 3.90
C TRP E 101 -23.71 3.32 4.22
N GLN E 102 -23.47 3.89 5.40
CA GLN E 102 -22.13 4.05 5.94
C GLN E 102 -22.19 3.77 7.44
N GLU E 103 -22.60 2.54 7.78
CA GLU E 103 -22.81 2.17 9.17
C GLU E 103 -22.14 0.84 9.54
N LEU E 104 -21.25 0.33 8.70
CA LEU E 104 -20.57 -0.94 8.94
C LEU E 104 -21.59 -2.05 9.19
N LEU E 105 -22.69 -2.00 8.46
CA LEU E 105 -23.72 -3.03 8.46
C LEU E 105 -23.84 -3.57 7.05
N PHE E 106 -23.72 -4.89 6.90
CA PHE E 106 -23.47 -5.51 5.61
C PHE E 106 -24.71 -6.28 5.15
N ASP E 107 -25.43 -5.71 4.19
CA ASP E 107 -26.63 -6.35 3.65
C ASP E 107 -26.30 -7.41 2.61
N TYR E 108 -25.20 -7.25 1.88
CA TYR E 108 -24.83 -8.18 0.81
C TYR E 108 -23.36 -8.53 0.90
N TRP E 109 -23.05 -9.77 0.53
CA TRP E 109 -21.69 -10.30 0.60
C TRP E 109 -21.34 -11.02 -0.69
N GLY E 110 -20.05 -11.05 -1.00
CA GLY E 110 -19.53 -11.96 -2.00
C GLY E 110 -19.27 -13.33 -1.40
N GLN E 111 -18.73 -14.23 -2.24
CA GLN E 111 -18.40 -15.57 -1.77
C GLN E 111 -16.96 -15.69 -1.29
N GLY E 112 -16.16 -14.63 -1.41
CA GLY E 112 -14.85 -14.58 -0.82
C GLY E 112 -13.78 -15.22 -1.69
N THR E 113 -12.54 -14.80 -1.47
CA THR E 113 -11.37 -15.38 -2.10
C THR E 113 -10.35 -15.75 -1.04
N LEU E 114 -9.69 -16.88 -1.24
CA LEU E 114 -8.70 -17.36 -0.29
C LEU E 114 -7.34 -16.76 -0.58
N VAL E 115 -6.67 -16.29 0.47
CA VAL E 115 -5.30 -15.80 0.39
C VAL E 115 -4.48 -16.59 1.40
N THR E 116 -3.49 -17.33 0.91
CA THR E 116 -2.64 -18.15 1.75
C THR E 116 -1.22 -17.59 1.75
N VAL E 117 -0.66 -17.41 2.94
CA VAL E 117 0.69 -16.89 3.14
C VAL E 117 1.42 -17.89 4.02
N SER E 118 2.45 -18.54 3.49
CA SER E 118 3.03 -19.69 4.19
C SER E 118 4.56 -19.71 4.25
N SER E 119 5.21 -19.43 3.13
CA SER E 119 6.67 -19.54 2.91
C SER E 119 7.15 -20.98 2.82
N ALA E 120 6.24 -21.96 2.82
CA ALA E 120 6.64 -23.34 2.63
C ALA E 120 6.78 -23.63 1.13
N SER E 121 7.86 -24.30 0.76
CA SER E 121 8.08 -24.62 -0.64
C SER E 121 7.30 -25.86 -1.04
N THR E 122 7.05 -25.99 -2.35
CA THR E 122 6.38 -27.17 -2.89
C THR E 122 7.11 -28.43 -2.46
N LYS E 123 6.35 -29.41 -1.98
CA LYS E 123 6.93 -30.67 -1.53
C LYS E 123 5.93 -31.79 -1.72
N GLY E 124 6.42 -32.92 -2.22
CA GLY E 124 5.60 -34.10 -2.38
C GLY E 124 5.49 -34.89 -1.08
N PRO E 125 4.43 -35.70 -0.98
CA PRO E 125 4.19 -36.43 0.27
C PRO E 125 4.99 -37.73 0.33
N SER E 126 5.46 -38.04 1.54
CA SER E 126 5.95 -39.36 1.86
C SER E 126 4.77 -40.21 2.30
N VAL E 127 4.54 -41.32 1.61
CA VAL E 127 3.39 -42.17 1.87
C VAL E 127 3.86 -43.41 2.63
N PHE E 128 3.24 -43.67 3.78
CA PHE E 128 3.57 -44.82 4.61
C PHE E 128 2.33 -45.68 4.85
N PRO E 129 2.48 -47.00 4.88
CA PRO E 129 1.31 -47.86 5.11
C PRO E 129 1.00 -48.01 6.58
N LEU E 130 -0.29 -48.11 6.89
CA LEU E 130 -0.78 -48.31 8.25
C LEU E 130 -1.32 -49.73 8.35
N ALA E 131 -0.55 -50.60 9.02
CA ALA E 131 -0.89 -52.02 9.09
C ALA E 131 -1.88 -52.28 10.23
N PRO E 132 -2.88 -53.13 10.01
CA PRO E 132 -3.91 -53.48 10.99
C PRO E 132 -3.33 -54.07 12.28
N ALA E 142 -11.34 -55.20 10.61
CA ALA E 142 -9.98 -54.71 10.69
C ALA E 142 -9.84 -53.36 10.01
N ALA E 143 -8.85 -52.57 10.43
CA ALA E 143 -8.63 -51.22 9.91
C ALA E 143 -7.21 -51.13 9.35
N LEU E 144 -7.10 -50.68 8.11
CA LEU E 144 -5.81 -50.44 7.46
C LEU E 144 -5.92 -49.15 6.66
N GLY E 145 -4.78 -48.48 6.50
CA GLY E 145 -4.78 -47.23 5.79
C GLY E 145 -3.42 -46.82 5.27
N CYS E 146 -3.31 -45.55 4.92
CA CYS E 146 -2.09 -44.97 4.39
C CYS E 146 -1.86 -43.61 5.03
N LEU E 147 -0.62 -43.35 5.42
CA LEU E 147 -0.23 -42.07 5.98
C LEU E 147 0.40 -41.22 4.88
N VAL E 148 -0.15 -40.04 4.65
CA VAL E 148 0.30 -39.12 3.61
C VAL E 148 0.90 -37.92 4.33
N LYS E 149 2.23 -37.93 4.48
CA LYS E 149 2.91 -37.03 5.40
C LYS E 149 3.73 -35.98 4.68
N ASP E 150 3.65 -34.74 5.19
CA ASP E 150 4.57 -33.65 4.86
C ASP E 150 4.55 -33.34 3.35
N TYR E 151 3.45 -32.74 2.93
CA TYR E 151 3.30 -32.24 1.57
C TYR E 151 2.82 -30.79 1.60
N PHE E 152 3.08 -30.07 0.51
CA PHE E 152 2.67 -28.68 0.40
C PHE E 152 2.68 -28.30 -1.07
N PRO E 153 1.64 -27.60 -1.56
CA PRO E 153 0.47 -27.29 -0.76
C PRO E 153 -0.65 -28.32 -0.96
N GLU E 154 -1.85 -28.00 -0.49
CA GLU E 154 -2.99 -28.85 -0.74
C GLU E 154 -3.42 -28.71 -2.19
N PRO E 155 -4.18 -29.70 -2.72
CA PRO E 155 -4.66 -30.91 -2.08
C PRO E 155 -3.93 -32.19 -2.51
N VAL E 156 -4.30 -33.31 -1.91
CA VAL E 156 -3.91 -34.62 -2.38
C VAL E 156 -5.17 -35.45 -2.57
N THR E 157 -5.13 -36.34 -3.56
CA THR E 157 -6.19 -37.32 -3.79
C THR E 157 -5.70 -38.69 -3.35
N VAL E 158 -6.61 -39.50 -2.82
CA VAL E 158 -6.31 -40.84 -2.38
C VAL E 158 -7.38 -41.79 -2.93
N SER E 159 -6.94 -42.87 -3.57
CA SER E 159 -7.85 -43.87 -4.10
C SER E 159 -7.26 -45.25 -3.80
N TRP E 160 -8.13 -46.21 -3.53
CA TRP E 160 -7.72 -47.54 -3.09
C TRP E 160 -7.98 -48.55 -4.20
N ASN E 161 -6.95 -49.31 -4.55
CA ASN E 161 -7.02 -50.35 -5.58
C ASN E 161 -7.60 -49.79 -6.88
N SER E 162 -7.00 -48.70 -7.35
CA SER E 162 -7.38 -48.04 -8.60
C SER E 162 -8.84 -47.58 -8.57
N GLY E 163 -9.29 -47.09 -7.41
CA GLY E 163 -10.64 -46.60 -7.27
C GLY E 163 -11.72 -47.66 -7.24
N ALA E 164 -11.37 -48.94 -7.34
CA ALA E 164 -12.37 -50.00 -7.32
C ALA E 164 -12.95 -50.22 -5.93
N LEU E 165 -12.29 -49.73 -4.89
CA LEU E 165 -12.72 -49.93 -3.51
C LEU E 165 -13.18 -48.61 -2.93
N THR E 166 -14.50 -48.43 -2.83
CA THR E 166 -15.08 -47.27 -2.14
C THR E 166 -15.79 -47.65 -0.85
N SER E 167 -16.10 -48.94 -0.66
CA SER E 167 -16.84 -49.38 0.51
C SER E 167 -16.01 -49.18 1.78
N GLY E 168 -16.50 -48.33 2.68
CA GLY E 168 -15.87 -48.13 3.97
C GLY E 168 -14.56 -47.39 3.94
N VAL E 169 -14.38 -46.47 2.99
CA VAL E 169 -13.15 -45.69 2.86
C VAL E 169 -13.42 -44.28 3.37
N HIS E 170 -12.67 -43.86 4.37
CA HIS E 170 -12.74 -42.49 4.87
C HIS E 170 -11.36 -41.87 4.80
N THR E 171 -11.25 -40.77 4.07
CA THR E 171 -10.02 -39.99 3.97
C THR E 171 -10.19 -38.73 4.81
N PHE E 172 -9.46 -38.65 5.91
CA PHE E 172 -9.63 -37.57 6.87
C PHE E 172 -9.15 -36.25 6.29
N PRO E 173 -9.64 -35.13 6.81
CA PRO E 173 -9.11 -33.82 6.40
C PRO E 173 -7.64 -33.69 6.76
N ALA E 174 -6.98 -32.74 6.10
CA ALA E 174 -5.55 -32.52 6.29
C ALA E 174 -5.30 -31.54 7.42
N VAL E 175 -4.28 -31.86 8.22
CA VAL E 175 -3.84 -30.99 9.32
C VAL E 175 -2.59 -30.24 8.86
N LEU E 176 -2.54 -28.95 9.19
CA LEU E 176 -1.39 -28.10 8.87
C LEU E 176 -0.53 -28.00 10.12
N GLN E 177 0.67 -28.59 10.06
CA GLN E 177 1.55 -28.67 11.21
C GLN E 177 2.38 -27.38 11.36
N SER E 178 3.12 -27.31 12.47
CA SER E 178 3.97 -26.15 12.72
C SER E 178 5.11 -26.02 11.71
N SER E 179 5.48 -27.13 11.07
CA SER E 179 6.51 -27.07 10.03
C SER E 179 6.04 -26.33 8.79
N GLY E 180 4.73 -26.16 8.62
CA GLY E 180 4.18 -25.54 7.44
C GLY E 180 3.70 -26.50 6.38
N LEU E 181 3.74 -27.80 6.65
CA LEU E 181 3.34 -28.83 5.70
C LEU E 181 2.12 -29.57 6.20
N TYR E 182 1.30 -30.04 5.27
CA TYR E 182 0.08 -30.75 5.60
C TYR E 182 0.35 -32.24 5.75
N SER E 183 -0.46 -32.90 6.57
CA SER E 183 -0.45 -34.35 6.71
C SER E 183 -1.87 -34.87 6.64
N LEU E 184 -2.01 -36.15 6.32
CA LEU E 184 -3.32 -36.70 6.02
C LEU E 184 -3.27 -38.21 6.18
N SER E 185 -4.43 -38.79 6.47
CA SER E 185 -4.58 -40.24 6.56
C SER E 185 -5.84 -40.67 5.81
N SER E 186 -5.81 -41.89 5.29
CA SER E 186 -6.96 -42.47 4.61
C SER E 186 -7.03 -43.94 4.98
N VAL E 187 -8.14 -44.35 5.60
CA VAL E 187 -8.30 -45.69 6.13
C VAL E 187 -9.55 -46.31 5.53
N VAL E 188 -9.50 -47.61 5.25
CA VAL E 188 -10.65 -48.36 4.76
C VAL E 188 -10.91 -49.49 5.76
N THR E 189 -12.13 -49.55 6.28
CA THR E 189 -12.54 -50.66 7.13
C THR E 189 -12.89 -51.85 6.25
N VAL E 190 -12.29 -53.00 6.55
CA VAL E 190 -12.22 -54.10 5.61
C VAL E 190 -12.59 -55.41 6.31
N PRO E 191 -13.16 -56.40 5.61
CA PRO E 191 -13.33 -57.72 6.22
C PRO E 191 -12.07 -58.26 6.87
N SER E 192 -12.14 -58.51 8.18
CA SER E 192 -10.98 -59.02 8.90
C SER E 192 -10.57 -60.41 8.44
N SER E 193 -11.45 -61.11 7.71
CA SER E 193 -11.15 -62.48 7.28
C SER E 193 -10.19 -62.50 6.09
N SER E 194 -10.38 -61.59 5.13
CA SER E 194 -9.63 -61.61 3.88
C SER E 194 -8.34 -60.81 3.94
N LEU E 195 -7.66 -60.80 5.08
CA LEU E 195 -6.41 -60.03 5.20
C LEU E 195 -5.22 -60.75 4.57
N GLY E 196 -5.30 -62.06 4.36
CA GLY E 196 -4.19 -62.81 3.82
C GLY E 196 -4.29 -63.07 2.33
N THR E 197 -5.45 -62.80 1.74
CA THR E 197 -5.67 -63.03 0.32
C THR E 197 -5.98 -61.77 -0.48
N GLN E 198 -6.42 -60.70 0.17
CA GLN E 198 -6.79 -59.48 -0.52
C GLN E 198 -5.74 -58.40 -0.30
N THR E 199 -5.40 -57.69 -1.38
CA THR E 199 -4.33 -56.70 -1.38
C THR E 199 -4.92 -55.31 -1.55
N TYR E 200 -4.51 -54.39 -0.68
CA TYR E 200 -5.00 -53.01 -0.67
C TYR E 200 -3.82 -52.07 -0.79
N ILE E 201 -3.79 -51.29 -1.86
CA ILE E 201 -2.80 -50.23 -2.09
C ILE E 201 -3.52 -48.91 -2.27
N CYS E 202 -2.96 -47.86 -1.68
CA CYS E 202 -3.45 -46.51 -1.90
C CYS E 202 -2.68 -45.86 -3.04
N ASN E 203 -3.37 -45.05 -3.83
CA ASN E 203 -2.75 -44.24 -4.86
C ASN E 203 -2.87 -42.78 -4.46
N VAL E 204 -1.76 -42.19 -4.01
CA VAL E 204 -1.71 -40.80 -3.59
C VAL E 204 -1.24 -39.95 -4.75
N ASN E 205 -1.94 -38.86 -5.02
CA ASN E 205 -1.62 -37.94 -6.11
C ASN E 205 -1.46 -36.54 -5.52
N HIS E 206 -0.30 -35.94 -5.75
CA HIS E 206 -0.04 -34.55 -5.36
C HIS E 206 0.36 -33.81 -6.63
N LYS E 207 -0.64 -33.29 -7.34
CA LYS E 207 -0.37 -32.56 -8.58
C LYS E 207 0.58 -31.38 -8.42
N PRO E 208 0.51 -30.56 -7.36
CA PRO E 208 1.46 -29.44 -7.26
C PRO E 208 2.93 -29.84 -7.34
N SER E 209 3.29 -31.03 -6.87
CA SER E 209 4.65 -31.51 -6.94
C SER E 209 4.86 -32.56 -8.03
N ASN E 210 3.82 -32.88 -8.81
CA ASN E 210 3.88 -33.91 -9.84
C ASN E 210 4.34 -35.25 -9.24
N THR E 211 3.67 -35.65 -8.16
CA THR E 211 4.01 -36.85 -7.42
C THR E 211 2.88 -37.87 -7.55
N LYS E 212 3.26 -39.12 -7.80
CA LYS E 212 2.30 -40.23 -7.86
C LYS E 212 2.97 -41.45 -7.24
N VAL E 213 2.45 -41.91 -6.10
CA VAL E 213 3.05 -43.01 -5.36
C VAL E 213 2.00 -44.09 -5.12
N ASP E 214 2.45 -45.34 -5.08
CA ASP E 214 1.68 -46.47 -4.63
C ASP E 214 2.39 -47.08 -3.42
N LYS E 215 1.60 -47.56 -2.46
CA LYS E 215 2.16 -48.35 -1.37
C LYS E 215 1.09 -49.28 -0.82
N LYS E 216 1.55 -50.34 -0.18
CA LYS E 216 0.74 -51.52 0.10
C LYS E 216 0.49 -51.65 1.60
N ALA E 217 -0.77 -51.59 1.98
CA ALA E 217 -1.17 -51.75 3.39
C ALA E 217 -1.43 -53.22 3.64
N GLU E 218 -0.51 -53.88 4.32
CA GLU E 218 -0.57 -55.30 4.60
C GLU E 218 -0.11 -55.52 6.03
N PRO E 219 -0.53 -56.64 6.67
CA PRO E 219 -0.12 -56.98 8.03
C PRO E 219 1.38 -56.85 8.30
N ALA F 2 -8.70 -6.61 21.12
CA ALA F 2 -9.91 -6.77 21.90
C ALA F 2 -10.83 -7.83 21.28
N GLY F 3 -12.07 -7.45 21.03
CA GLY F 3 -13.03 -8.38 20.46
C GLY F 3 -14.11 -8.77 21.46
N LEU F 4 -15.27 -9.12 20.94
CA LEU F 4 -16.39 -9.49 21.79
C LEU F 4 -16.31 -10.96 22.18
N THR F 5 -16.90 -11.28 23.33
CA THR F 5 -16.81 -12.61 23.92
C THR F 5 -18.12 -13.36 23.72
N GLN F 6 -18.06 -14.46 22.96
CA GLN F 6 -19.18 -15.37 22.77
C GLN F 6 -18.83 -16.74 23.30
N PRO F 7 -19.82 -17.53 23.72
CA PRO F 7 -19.55 -18.93 24.05
C PRO F 7 -19.12 -19.69 22.79
N ALA F 8 -18.19 -20.64 22.97
CA ALA F 8 -17.69 -21.39 21.83
C ALA F 8 -18.77 -22.26 21.22
N SER F 9 -19.59 -22.88 22.06
CA SER F 9 -20.59 -23.83 21.58
C SER F 9 -21.89 -23.66 22.33
N VAL F 10 -23.00 -23.78 21.61
CA VAL F 10 -24.35 -23.84 22.17
C VAL F 10 -25.11 -24.90 21.40
N SER F 11 -25.93 -25.68 22.10
CA SER F 11 -26.64 -26.76 21.45
C SER F 11 -28.00 -26.99 22.10
N GLY F 12 -28.98 -27.34 21.26
CA GLY F 12 -30.28 -27.81 21.72
C GLY F 12 -30.86 -28.73 20.68
N SER F 13 -31.92 -29.44 21.09
CA SER F 13 -32.61 -30.33 20.18
C SER F 13 -33.74 -29.59 19.47
N PRO F 14 -34.25 -30.12 18.36
CA PRO F 14 -35.30 -29.41 17.61
C PRO F 14 -36.48 -29.05 18.49
N GLY F 15 -37.05 -27.87 18.25
CA GLY F 15 -38.13 -27.35 19.04
C GLY F 15 -37.71 -26.58 20.27
N GLN F 16 -36.51 -26.84 20.79
CA GLN F 16 -36.03 -26.14 21.97
C GLN F 16 -35.58 -24.73 21.62
N SER F 17 -35.28 -23.96 22.66
CA SER F 17 -34.80 -22.59 22.53
C SER F 17 -33.43 -22.47 23.16
N ILE F 18 -32.56 -21.66 22.54
CA ILE F 18 -31.22 -21.41 23.05
C ILE F 18 -30.96 -19.90 23.01
N THR F 19 -29.94 -19.49 23.75
CA THR F 19 -29.52 -18.09 23.80
C THR F 19 -28.01 -18.03 23.64
N ILE F 20 -27.54 -17.15 22.76
CA ILE F 20 -26.12 -16.92 22.54
C ILE F 20 -25.80 -15.53 23.07
N SER F 21 -24.90 -15.47 24.05
CA SER F 21 -24.52 -14.21 24.66
C SER F 21 -23.34 -13.59 23.92
N CYS F 22 -23.09 -12.30 24.20
CA CYS F 22 -22.10 -11.54 23.45
C CYS F 22 -21.67 -10.37 24.35
N THR F 23 -20.63 -10.61 25.16
CA THR F 23 -20.18 -9.63 26.14
C THR F 23 -19.12 -8.71 25.54
N GLY F 24 -19.35 -7.40 25.66
CA GLY F 24 -18.39 -6.41 25.22
C GLY F 24 -18.03 -5.45 26.33
N THR F 25 -17.72 -4.21 25.98
CA THR F 25 -17.37 -3.18 26.94
C THR F 25 -18.33 -2.00 26.81
N SER F 26 -18.11 -0.98 27.65
CA SER F 26 -18.89 0.25 27.58
C SER F 26 -18.61 1.05 26.33
N SER F 27 -17.58 0.69 25.55
CA SER F 27 -17.25 1.39 24.32
C SER F 27 -17.90 0.78 23.09
N ASP F 28 -18.51 -0.41 23.21
CA ASP F 28 -19.14 -1.06 22.07
C ASP F 28 -20.56 -1.50 22.39
N VAL F 29 -20.72 -2.70 22.93
CA VAL F 29 -22.05 -3.24 23.21
C VAL F 29 -22.78 -2.34 24.20
N GLY F 30 -22.07 -1.85 25.21
CA GLY F 30 -22.66 -0.99 26.21
C GLY F 30 -22.63 0.48 25.90
N GLY F 31 -22.11 0.88 24.75
CA GLY F 31 -22.00 2.29 24.42
C GLY F 31 -22.90 2.74 23.29
N TYR F 32 -23.44 1.80 22.53
CA TYR F 32 -24.28 2.11 21.38
C TYR F 32 -25.41 1.10 21.28
N ASN F 33 -26.32 1.36 20.34
CA ASN F 33 -27.41 0.45 20.00
C ASN F 33 -27.16 -0.18 18.65
N TYR F 34 -25.91 -0.54 18.36
CA TYR F 34 -25.55 -1.06 17.05
C TYR F 34 -24.93 -2.44 17.16
N VAL F 35 -25.63 -3.36 17.84
CA VAL F 35 -25.22 -4.76 17.90
C VAL F 35 -25.89 -5.50 16.74
N SER F 36 -25.07 -6.16 15.94
CA SER F 36 -25.56 -6.98 14.84
C SER F 36 -25.24 -8.45 15.11
N TRP F 37 -26.04 -9.33 14.51
CA TRP F 37 -25.80 -10.77 14.58
C TRP F 37 -25.77 -11.33 13.16
N TYR F 38 -24.79 -12.17 12.88
CA TYR F 38 -24.64 -12.79 11.56
C TYR F 38 -24.65 -14.31 11.71
N GLN F 39 -25.29 -14.97 10.75
CA GLN F 39 -25.32 -16.43 10.68
C GLN F 39 -24.48 -16.87 9.48
N GLN F 40 -23.59 -17.83 9.70
CA GLN F 40 -22.69 -18.30 8.65
C GLN F 40 -22.78 -19.82 8.58
N HIS F 41 -23.35 -20.32 7.48
CA HIS F 41 -23.39 -21.75 7.23
C HIS F 41 -22.06 -22.21 6.61
N PRO F 42 -21.69 -23.48 6.81
CA PRO F 42 -20.39 -23.97 6.32
C PRO F 42 -20.10 -23.65 4.86
N GLY F 43 -19.00 -22.94 4.62
CA GLY F 43 -18.60 -22.63 3.26
C GLY F 43 -19.36 -21.53 2.58
N LYS F 44 -20.13 -20.74 3.31
CA LYS F 44 -20.90 -19.65 2.74
C LYS F 44 -20.54 -18.34 3.44
N ALA F 45 -20.96 -17.23 2.82
CA ALA F 45 -20.76 -15.93 3.41
C ALA F 45 -21.71 -15.71 4.58
N PRO F 46 -21.34 -14.83 5.52
CA PRO F 46 -22.26 -14.54 6.62
C PRO F 46 -23.55 -13.91 6.13
N LYS F 47 -24.61 -14.09 6.90
CA LYS F 47 -25.93 -13.55 6.59
C LYS F 47 -26.42 -12.70 7.75
N LEU F 48 -26.86 -11.49 7.45
CA LEU F 48 -27.37 -10.59 8.48
C LEU F 48 -28.70 -11.10 9.01
N MET F 49 -28.75 -11.39 10.31
CA MET F 49 -29.97 -11.86 10.95
C MET F 49 -30.60 -10.83 11.89
N ILE F 50 -29.78 -10.02 12.56
CA ILE F 50 -30.25 -9.03 13.52
C ILE F 50 -29.38 -7.79 13.39
N TYR F 51 -30.01 -6.62 13.35
CA TYR F 51 -29.30 -5.35 13.33
C TYR F 51 -29.91 -4.42 14.37
N ASP F 52 -29.09 -3.49 14.86
CA ASP F 52 -29.51 -2.52 15.87
C ASP F 52 -30.12 -3.21 17.08
N VAL F 53 -29.44 -4.25 17.54
CA VAL F 53 -29.73 -5.00 18.76
C VAL F 53 -30.91 -5.94 18.58
N SER F 54 -32.05 -5.43 18.10
CA SER F 54 -33.29 -6.20 18.14
C SER F 54 -34.06 -6.25 16.83
N ASN F 55 -33.57 -5.66 15.75
CA ASN F 55 -34.34 -5.56 14.52
C ASN F 55 -33.93 -6.64 13.53
N ARG F 56 -34.92 -7.11 12.76
CA ARG F 56 -34.73 -8.19 11.80
C ARG F 56 -34.84 -7.64 10.39
N PRO F 57 -33.88 -7.95 9.51
CA PRO F 57 -34.05 -7.60 8.10
C PRO F 57 -35.16 -8.43 7.48
N SER F 58 -35.63 -7.95 6.33
CA SER F 58 -36.75 -8.61 5.67
C SER F 58 -36.39 -10.04 5.30
N GLY F 59 -37.26 -10.99 5.68
CA GLY F 59 -37.10 -12.38 5.37
C GLY F 59 -36.64 -13.23 6.54
N VAL F 60 -35.94 -12.64 7.50
CA VAL F 60 -35.41 -13.41 8.62
C VAL F 60 -36.56 -13.86 9.52
N SER F 61 -36.56 -15.14 9.90
CA SER F 61 -37.65 -15.68 10.70
C SER F 61 -37.73 -15.01 12.06
N ASP F 62 -38.95 -14.79 12.53
CA ASP F 62 -39.16 -14.18 13.84
C ASP F 62 -38.81 -15.10 15.00
N ARG F 63 -38.31 -16.30 14.73
CA ARG F 63 -37.74 -17.13 15.79
C ARG F 63 -36.43 -16.57 16.32
N PHE F 64 -35.81 -15.64 15.57
CA PHE F 64 -34.59 -14.98 15.98
C PHE F 64 -34.95 -13.63 16.59
N SER F 65 -34.51 -13.40 17.82
CA SER F 65 -34.74 -12.12 18.48
C SER F 65 -33.49 -11.72 19.24
N GLY F 66 -33.15 -10.45 19.17
CA GLY F 66 -31.97 -9.92 19.83
C GLY F 66 -32.35 -8.93 20.91
N SER F 67 -31.50 -8.81 21.93
CA SER F 67 -31.67 -7.84 22.99
C SER F 67 -30.31 -7.64 23.64
N LYS F 68 -30.24 -6.68 24.57
CA LYS F 68 -28.99 -6.42 25.25
C LYS F 68 -29.28 -5.89 26.63
N SER F 69 -28.33 -6.14 27.54
CA SER F 69 -28.41 -5.66 28.92
C SER F 69 -27.01 -5.28 29.35
N GLY F 70 -26.81 -4.00 29.63
CA GLY F 70 -25.49 -3.53 30.02
C GLY F 70 -24.51 -3.72 28.88
N ASN F 71 -23.48 -4.53 29.10
CA ASN F 71 -22.46 -4.80 28.11
C ASN F 71 -22.65 -6.14 27.41
N THR F 72 -23.73 -6.85 27.70
CA THR F 72 -23.96 -8.18 27.15
C THR F 72 -25.19 -8.16 26.26
N ALA F 73 -24.99 -8.44 24.97
CA ALA F 73 -26.08 -8.66 24.05
C ALA F 73 -26.38 -10.16 23.96
N SER F 74 -27.59 -10.48 23.54
CA SER F 74 -28.04 -11.86 23.49
C SER F 74 -28.87 -12.10 22.24
N LEU F 75 -28.57 -13.18 21.54
CA LEU F 75 -29.40 -13.68 20.46
C LEU F 75 -30.13 -14.93 20.97
N THR F 76 -31.44 -14.97 20.74
CA THR F 76 -32.28 -16.08 21.18
C THR F 76 -32.99 -16.67 19.97
N ILE F 77 -32.89 -17.99 19.84
CA ILE F 77 -33.51 -18.73 18.73
C ILE F 77 -34.52 -19.67 19.34
N SER F 78 -35.81 -19.41 19.13
CA SER F 78 -36.86 -20.28 19.60
C SER F 78 -37.23 -21.30 18.53
N GLY F 79 -37.75 -22.44 18.98
CA GLY F 79 -38.15 -23.50 18.07
C GLY F 79 -37.04 -23.93 17.14
N LEU F 80 -35.96 -24.47 17.71
CA LEU F 80 -34.79 -24.83 16.93
C LEU F 80 -35.15 -25.76 15.78
N GLN F 81 -34.69 -25.41 14.59
CA GLN F 81 -34.77 -26.28 13.43
C GLN F 81 -33.37 -26.74 13.05
N THR F 82 -33.30 -27.90 12.38
CA THR F 82 -31.99 -28.49 12.09
C THR F 82 -31.15 -27.56 11.22
N GLU F 83 -31.78 -26.82 10.31
CA GLU F 83 -31.04 -25.92 9.44
C GLU F 83 -30.46 -24.72 10.17
N ASP F 84 -30.90 -24.45 11.40
CA ASP F 84 -30.30 -23.38 12.19
C ASP F 84 -28.86 -23.68 12.58
N GLU F 85 -28.43 -24.93 12.43
CA GLU F 85 -27.04 -25.32 12.67
C GLU F 85 -26.09 -24.50 11.81
N ALA F 86 -25.36 -23.60 12.45
CA ALA F 86 -24.39 -22.74 11.75
C ALA F 86 -23.53 -22.06 12.80
N ASP F 87 -22.63 -21.20 12.33
CA ASP F 87 -21.89 -20.30 13.21
C ASP F 87 -22.66 -19.00 13.34
N TYR F 88 -22.56 -18.39 14.53
CA TYR F 88 -23.24 -17.13 14.80
C TYR F 88 -22.24 -16.14 15.38
N TYR F 89 -22.15 -14.97 14.74
CA TYR F 89 -21.23 -13.93 15.14
C TYR F 89 -22.01 -12.68 15.50
N CYS F 90 -21.72 -12.14 16.68
CA CYS F 90 -22.20 -10.81 17.03
C CYS F 90 -21.14 -9.78 16.65
N SER F 91 -21.60 -8.57 16.34
CA SER F 91 -20.70 -7.47 16.01
C SER F 91 -21.27 -6.19 16.60
N SER F 92 -20.37 -5.24 16.86
CA SER F 92 -20.76 -3.96 17.44
C SER F 92 -20.01 -2.84 16.77
N TRP F 93 -20.67 -1.69 16.69
CA TRP F 93 -19.99 -0.45 16.29
C TRP F 93 -19.08 0.01 17.43
N THR F 94 -17.99 0.68 17.05
CA THR F 94 -17.05 1.22 18.02
C THR F 94 -16.70 2.66 17.67
N ARG F 95 -16.10 3.34 18.64
CA ARG F 95 -15.74 4.75 18.46
C ARG F 95 -14.58 4.90 17.46
N SER F 96 -13.53 4.11 17.63
CA SER F 96 -12.32 4.27 16.83
C SER F 96 -11.76 2.96 16.29
N SER F 97 -12.41 1.83 16.51
CA SER F 97 -11.88 0.53 16.10
C SER F 97 -12.72 -0.14 15.01
N GLY F 98 -13.59 0.62 14.35
CA GLY F 98 -14.41 0.03 13.31
C GLY F 98 -15.38 -1.02 13.88
N LEU F 99 -15.66 -2.02 13.06
CA LEU F 99 -16.57 -3.09 13.44
C LEU F 99 -15.79 -4.21 14.10
N VAL F 100 -16.06 -4.45 15.38
CA VAL F 100 -15.46 -5.55 16.12
C VAL F 100 -16.45 -6.70 16.20
N PHE F 101 -15.93 -7.92 16.07
CA PHE F 101 -16.74 -9.12 16.06
C PHE F 101 -16.53 -9.90 17.35
N GLY F 102 -17.48 -10.78 17.65
CA GLY F 102 -17.26 -11.82 18.62
C GLY F 102 -16.53 -13.00 17.99
N GLY F 103 -16.01 -13.87 18.86
CA GLY F 103 -15.30 -15.04 18.37
C GLY F 103 -16.16 -16.03 17.60
N GLY F 104 -17.47 -15.92 17.70
CA GLY F 104 -18.36 -16.83 17.03
C GLY F 104 -18.82 -17.95 17.95
N THR F 105 -20.04 -18.42 17.71
CA THR F 105 -20.62 -19.52 18.46
C THR F 105 -21.10 -20.58 17.49
N GLN F 106 -20.67 -21.82 17.71
CA GLN F 106 -21.14 -22.94 16.92
C GLN F 106 -22.43 -23.47 17.52
N LEU F 107 -23.51 -23.39 16.76
CA LEU F 107 -24.81 -23.89 17.19
C LEU F 107 -25.03 -25.28 16.61
N THR F 108 -25.20 -26.26 17.49
CA THR F 108 -25.50 -27.63 17.09
C THR F 108 -26.96 -27.93 17.41
N VAL F 109 -27.69 -28.41 16.42
CA VAL F 109 -29.06 -28.86 16.61
C VAL F 109 -29.00 -30.38 16.72
N LEU F 110 -29.08 -30.88 17.96
CA LEU F 110 -28.96 -32.31 18.24
C LEU F 110 -30.07 -33.10 17.56
N GLY F 111 -29.75 -33.75 16.44
CA GLY F 111 -30.73 -34.57 15.73
C GLY F 111 -30.35 -36.03 15.71
N GLN F 112 -29.49 -36.43 16.64
CA GLN F 112 -29.00 -37.81 16.72
C GLN F 112 -28.74 -38.13 18.18
N PRO F 113 -28.79 -39.40 18.56
CA PRO F 113 -28.39 -39.77 19.92
C PRO F 113 -26.89 -39.67 20.08
N LYS F 114 -26.47 -39.48 21.34
CA LYS F 114 -25.05 -39.40 21.65
C LYS F 114 -24.34 -40.70 21.25
N ALA F 115 -23.34 -40.59 20.39
CA ALA F 115 -22.58 -41.73 19.91
C ALA F 115 -21.14 -41.60 20.38
N ALA F 116 -20.66 -42.60 21.13
CA ALA F 116 -19.29 -42.58 21.59
C ALA F 116 -18.32 -42.88 20.44
N PRO F 117 -17.11 -42.35 20.49
CA PRO F 117 -16.17 -42.54 19.39
C PRO F 117 -15.44 -43.87 19.47
N SER F 118 -15.24 -44.48 18.30
CA SER F 118 -14.33 -45.61 18.16
C SER F 118 -12.95 -45.09 17.81
N VAL F 119 -11.93 -45.65 18.46
CA VAL F 119 -10.56 -45.17 18.36
C VAL F 119 -9.68 -46.30 17.84
N THR F 120 -8.92 -46.02 16.78
CA THR F 120 -7.92 -46.94 16.25
C THR F 120 -6.57 -46.24 16.29
N LEU F 121 -5.60 -46.87 16.95
CA LEU F 121 -4.28 -46.29 17.15
C LEU F 121 -3.28 -47.04 16.28
N PHE F 122 -2.47 -46.29 15.53
CA PHE F 122 -1.49 -46.89 14.63
C PHE F 122 -0.08 -46.55 15.09
N PRO F 123 0.82 -47.53 15.12
CA PRO F 123 2.22 -47.25 15.46
C PRO F 123 2.96 -46.76 14.23
N PRO F 124 4.16 -46.20 14.40
CA PRO F 124 4.97 -45.84 13.22
C PRO F 124 5.29 -47.08 12.39
N SER F 125 5.14 -46.96 11.08
CA SER F 125 5.48 -48.05 10.19
C SER F 125 6.98 -48.32 10.23
N SER F 126 7.36 -49.55 9.85
CA SER F 126 8.78 -49.89 9.77
C SER F 126 9.49 -48.97 8.79
N GLU F 127 8.89 -48.76 7.61
CA GLU F 127 9.54 -47.94 6.58
C GLU F 127 9.78 -46.52 7.07
N GLU F 128 8.84 -45.95 7.82
CA GLU F 128 9.02 -44.60 8.34
C GLU F 128 10.16 -44.55 9.36
N LEU F 129 10.29 -45.58 10.19
CA LEU F 129 11.40 -45.65 11.13
C LEU F 129 12.73 -45.74 10.39
N GLN F 130 12.76 -46.49 9.28
CA GLN F 130 13.97 -46.57 8.47
C GLN F 130 14.34 -45.20 7.91
N ALA F 131 13.36 -44.33 7.69
CA ALA F 131 13.59 -42.97 7.22
C ALA F 131 13.86 -41.99 8.36
N ASN F 132 14.18 -42.50 9.55
CA ASN F 132 14.50 -41.67 10.72
C ASN F 132 13.34 -40.76 11.09
N LYS F 133 12.10 -41.22 10.89
CA LYS F 133 10.90 -40.51 11.27
C LYS F 133 9.99 -41.44 12.05
N ALA F 134 9.05 -40.85 12.79
CA ALA F 134 8.08 -41.62 13.55
C ALA F 134 6.82 -40.79 13.73
N THR F 135 5.66 -41.40 13.45
CA THR F 135 4.37 -40.73 13.59
C THR F 135 3.35 -41.71 14.12
N LEU F 136 2.69 -41.34 15.21
CA LEU F 136 1.59 -42.10 15.78
C LEU F 136 0.27 -41.56 15.25
N VAL F 137 -0.56 -42.43 14.70
CA VAL F 137 -1.80 -42.04 14.04
C VAL F 137 -2.96 -42.51 14.92
N CYS F 138 -3.67 -41.58 15.52
CA CYS F 138 -4.89 -41.86 16.28
C CYS F 138 -6.09 -41.46 15.43
N LEU F 139 -6.92 -42.42 15.08
CA LEU F 139 -8.07 -42.22 14.21
C LEU F 139 -9.35 -42.35 15.01
N ILE F 140 -10.11 -41.27 15.10
CA ILE F 140 -11.35 -41.20 15.86
C ILE F 140 -12.50 -41.08 14.88
N SER F 141 -13.52 -41.92 15.03
CA SER F 141 -14.61 -41.95 14.07
C SER F 141 -15.92 -42.32 14.75
N ASP F 142 -17.02 -41.96 14.09
CA ASP F 142 -18.37 -42.41 14.45
C ASP F 142 -18.80 -41.89 15.82
N PHE F 143 -18.52 -40.62 16.10
CA PHE F 143 -18.98 -39.99 17.34
C PHE F 143 -19.92 -38.84 17.02
N TYR F 144 -20.90 -38.65 17.90
CA TYR F 144 -21.85 -37.54 17.82
C TYR F 144 -22.15 -37.08 19.25
N PRO F 145 -22.17 -35.76 19.49
CA PRO F 145 -21.94 -34.70 18.51
C PRO F 145 -20.46 -34.47 18.18
N GLY F 146 -20.19 -33.52 17.29
CA GLY F 146 -18.86 -33.32 16.75
C GLY F 146 -17.92 -32.50 17.61
N ALA F 147 -17.59 -33.01 18.79
CA ALA F 147 -16.63 -32.35 19.66
C ALA F 147 -15.86 -33.41 20.43
N VAL F 148 -14.53 -33.33 20.37
CA VAL F 148 -13.65 -34.25 21.09
C VAL F 148 -12.46 -33.47 21.61
N THR F 149 -11.70 -34.12 22.50
CA THR F 149 -10.46 -33.57 23.02
C THR F 149 -9.45 -34.71 23.11
N VAL F 150 -8.29 -34.52 22.50
CA VAL F 150 -7.27 -35.56 22.41
C VAL F 150 -6.13 -35.21 23.36
N ALA F 151 -5.67 -36.21 24.10
CA ALA F 151 -4.55 -36.05 25.02
C ALA F 151 -3.55 -37.17 24.77
N TRP F 152 -2.33 -36.80 24.41
CA TRP F 152 -1.26 -37.76 24.13
C TRP F 152 -0.38 -37.92 25.35
N LYS F 153 -0.20 -39.16 25.79
CA LYS F 153 0.57 -39.46 27.00
C LYS F 153 1.67 -40.45 26.65
N ALA F 154 2.92 -40.06 26.90
CA ALA F 154 4.06 -40.97 26.78
C ALA F 154 4.28 -41.63 28.13
N ASP F 155 4.15 -42.96 28.17
CA ASP F 155 4.09 -43.69 29.42
C ASP F 155 2.97 -43.14 30.28
N GLY F 156 3.28 -42.23 31.20
CA GLY F 156 2.27 -41.65 32.05
C GLY F 156 2.11 -40.14 31.90
N SER F 157 3.18 -39.46 31.50
CA SER F 157 3.17 -38.01 31.47
C SER F 157 2.53 -37.48 30.19
N PRO F 158 1.86 -36.32 30.26
CA PRO F 158 1.27 -35.73 29.06
C PRO F 158 2.33 -35.20 28.12
N VAL F 159 2.02 -35.27 26.82
CA VAL F 159 2.91 -34.81 25.75
C VAL F 159 2.15 -33.80 24.91
N LYS F 160 2.72 -32.60 24.76
CA LYS F 160 2.15 -31.56 23.92
C LYS F 160 3.00 -31.23 22.71
N ALA F 161 4.28 -31.57 22.72
CA ALA F 161 5.16 -31.25 21.60
C ALA F 161 4.86 -32.16 20.41
N GLY F 162 4.72 -31.56 19.24
CA GLY F 162 4.49 -32.32 18.03
C GLY F 162 3.15 -33.03 17.95
N VAL F 163 2.11 -32.42 18.51
CA VAL F 163 0.76 -32.97 18.47
C VAL F 163 -0.06 -32.13 17.49
N GLU F 164 -0.71 -32.81 16.54
CA GLU F 164 -1.57 -32.15 15.57
C GLU F 164 -2.88 -32.91 15.47
N THR F 165 -4.00 -32.20 15.64
CA THR F 165 -5.32 -32.80 15.60
C THR F 165 -6.20 -32.00 14.65
N THR F 166 -6.97 -32.71 13.83
CA THR F 166 -7.92 -32.07 12.93
C THR F 166 -9.22 -31.77 13.66
N THR F 167 -9.85 -30.67 13.29
CA THR F 167 -11.17 -30.37 13.81
C THR F 167 -12.16 -31.43 13.33
N PRO F 168 -13.07 -31.88 14.18
CA PRO F 168 -14.01 -32.92 13.76
C PRO F 168 -14.83 -32.49 12.56
N SER F 169 -15.03 -33.42 11.63
CA SER F 169 -15.81 -33.17 10.42
C SER F 169 -16.78 -34.32 10.21
N LYS F 170 -17.97 -33.99 9.69
CA LYS F 170 -19.00 -34.99 9.48
C LYS F 170 -18.66 -35.83 8.26
N GLN F 171 -18.69 -37.15 8.44
CA GLN F 171 -18.44 -38.09 7.34
C GLN F 171 -19.73 -38.40 6.60
N SER F 172 -19.79 -39.57 5.96
CA SER F 172 -20.97 -39.90 5.15
C SER F 172 -22.16 -40.28 6.02
N ASN F 173 -21.94 -41.05 7.08
CA ASN F 173 -23.02 -41.50 7.96
C ASN F 173 -23.46 -40.43 8.96
N ASN F 174 -23.23 -39.15 8.65
CA ASN F 174 -23.71 -38.02 9.44
C ASN F 174 -23.06 -37.92 10.82
N LYS F 175 -22.30 -38.94 11.22
CA LYS F 175 -21.53 -38.84 12.45
C LYS F 175 -20.20 -38.13 12.14
N TYR F 176 -19.41 -37.90 13.18
CA TYR F 176 -18.18 -37.12 13.05
C TYR F 176 -16.95 -38.01 13.16
N ALA F 177 -15.83 -37.49 12.66
CA ALA F 177 -14.56 -38.17 12.74
C ALA F 177 -13.46 -37.14 12.91
N ALA F 178 -12.35 -37.58 13.50
CA ALA F 178 -11.19 -36.71 13.70
C ALA F 178 -9.95 -37.57 13.76
N SER F 179 -8.80 -36.92 13.57
CA SER F 179 -7.52 -37.61 13.59
C SER F 179 -6.53 -36.79 14.40
N SER F 180 -5.56 -37.48 14.99
CA SER F 180 -4.52 -36.85 15.80
C SER F 180 -3.20 -37.54 15.54
N TYR F 181 -2.14 -36.75 15.36
CA TYR F 181 -0.81 -37.26 15.04
C TYR F 181 0.17 -36.80 16.10
N LEU F 182 0.98 -37.74 16.59
CA LEU F 182 2.09 -37.43 17.49
C LEU F 182 3.39 -37.69 16.74
N SER F 183 4.07 -36.61 16.38
CA SER F 183 5.32 -36.70 15.62
C SER F 183 6.49 -36.78 16.59
N LEU F 184 7.23 -37.89 16.54
CA LEU F 184 8.38 -38.12 17.40
C LEU F 184 9.57 -38.54 16.58
N THR F 185 10.75 -38.45 17.20
CA THR F 185 11.93 -39.07 16.62
C THR F 185 11.90 -40.57 16.91
N PRO F 186 12.57 -41.38 16.08
CA PRO F 186 12.58 -42.83 16.34
C PRO F 186 13.11 -43.19 17.71
N GLU F 187 14.09 -42.44 18.23
CA GLU F 187 14.68 -42.78 19.52
C GLU F 187 13.85 -42.30 20.71
N GLN F 188 12.91 -41.37 20.49
CA GLN F 188 11.87 -41.14 21.49
C GLN F 188 10.83 -42.23 21.48
N TRP F 189 10.67 -42.93 20.35
CA TRP F 189 9.70 -44.01 20.24
C TRP F 189 10.21 -45.29 20.88
N LYS F 190 11.49 -45.62 20.65
CA LYS F 190 12.09 -46.80 21.27
C LYS F 190 12.38 -46.62 22.75
N SER F 191 12.31 -45.40 23.27
CA SER F 191 12.72 -45.12 24.64
C SER F 191 11.61 -45.37 25.66
N HIS F 192 10.35 -45.30 25.25
CA HIS F 192 9.23 -45.37 26.17
C HIS F 192 8.52 -46.71 26.07
N ARG F 193 7.80 -47.04 27.15
CA ARG F 193 7.03 -48.28 27.20
C ARG F 193 5.78 -48.21 26.35
N SER F 194 5.04 -47.12 26.50
CA SER F 194 3.71 -46.99 25.94
C SER F 194 3.51 -45.56 25.46
N TYR F 195 2.73 -45.42 24.40
CA TYR F 195 2.16 -44.15 24.01
C TYR F 195 0.65 -44.31 24.00
N SER F 196 -0.05 -43.31 24.52
CA SER F 196 -1.49 -43.42 24.75
C SER F 196 -2.21 -42.25 24.09
N CYS F 197 -3.30 -42.57 23.40
CA CYS F 197 -4.19 -41.57 22.80
C CYS F 197 -5.53 -41.62 23.52
N GLN F 198 -5.87 -40.54 24.23
CA GLN F 198 -7.09 -40.47 25.02
C GLN F 198 -8.00 -39.42 24.41
N VAL F 199 -9.23 -39.80 24.12
CA VAL F 199 -10.20 -38.92 23.47
C VAL F 199 -11.39 -38.75 24.41
N THR F 200 -11.66 -37.50 24.79
CA THR F 200 -12.74 -37.17 25.70
C THR F 200 -13.95 -36.71 24.90
N HIS F 201 -15.06 -37.44 25.05
CA HIS F 201 -16.29 -37.15 24.33
C HIS F 201 -17.44 -37.18 25.33
N GLU F 202 -18.02 -35.99 25.59
CA GLU F 202 -19.16 -35.85 26.51
C GLU F 202 -18.81 -36.41 27.89
N GLY F 203 -17.65 -36.02 28.40
CA GLY F 203 -17.20 -36.46 29.71
C GLY F 203 -16.67 -37.87 29.77
N SER F 204 -16.99 -38.73 28.80
CA SER F 204 -16.53 -40.10 28.76
C SER F 204 -15.31 -40.21 27.85
N THR F 205 -14.28 -40.93 28.32
CA THR F 205 -12.99 -41.00 27.66
C THR F 205 -12.77 -42.40 27.10
N VAL F 206 -12.45 -42.47 25.81
CA VAL F 206 -12.07 -43.72 25.14
C VAL F 206 -10.58 -43.66 24.86
N GLU F 207 -9.87 -44.74 25.20
CA GLU F 207 -8.42 -44.76 25.12
C GLU F 207 -7.95 -46.03 24.43
N LYS F 208 -6.84 -45.90 23.70
CA LYS F 208 -6.07 -47.04 23.21
C LYS F 208 -4.59 -46.68 23.27
N THR F 209 -3.76 -47.70 23.46
CA THR F 209 -2.33 -47.52 23.63
C THR F 209 -1.57 -48.34 22.60
N VAL F 210 -0.28 -48.02 22.44
CA VAL F 210 0.62 -48.77 21.57
C VAL F 210 1.98 -48.89 22.25
N ALA F 211 2.71 -49.93 21.87
CA ALA F 211 4.04 -50.24 22.37
C ALA F 211 4.95 -50.51 21.19
N PRO F 212 6.27 -50.36 21.38
CA PRO F 212 7.20 -50.64 20.28
C PRO F 212 7.08 -52.05 19.70
N THR F 213 6.58 -53.02 20.47
CA THR F 213 6.32 -54.38 19.98
C THR F 213 7.53 -54.98 19.27
S SO4 G . -2.55 10.89 -12.41
O1 SO4 G . -1.15 10.53 -12.59
O2 SO4 G . -3.37 9.68 -12.34
O3 SO4 G . -2.71 11.64 -11.16
O4 SO4 G . -2.98 11.71 -13.53
S SO4 H . -22.71 36.87 3.04
O1 SO4 H . -22.02 35.98 3.97
O2 SO4 H . -23.03 36.13 1.82
O3 SO4 H . -23.93 37.37 3.65
O4 SO4 H . -21.83 37.99 2.70
S SO4 I . -14.68 49.41 -10.82
O1 SO4 I . -13.65 48.94 -11.77
O2 SO4 I . -14.41 48.84 -9.50
O3 SO4 I . -15.99 48.96 -11.29
O4 SO4 I . -14.65 50.86 -10.76
S SO4 J . -6.07 39.98 -24.27
O1 SO4 J . -5.18 39.68 -25.39
O2 SO4 J . -5.33 39.84 -23.02
O3 SO4 J . -7.21 39.07 -24.28
O4 SO4 J . -6.54 41.36 -24.38
S SO4 K . -12.60 37.32 -21.70
O1 SO4 K . -12.93 36.94 -23.06
O2 SO4 K . -11.77 36.29 -21.09
O3 SO4 K . -13.83 37.48 -20.92
O4 SO4 K . -11.87 38.59 -21.71
S SO4 L . -57.00 5.80 24.28
O1 SO4 L . -56.07 5.39 25.34
O2 SO4 L . -57.93 4.69 24.00
O3 SO4 L . -57.76 6.97 24.72
O4 SO4 L . -56.25 6.13 23.07
S SO4 M . -51.63 18.40 10.58
O1 SO4 M . -51.10 18.07 9.25
O2 SO4 M . -50.78 17.79 11.60
O3 SO4 M . -52.99 17.88 10.70
O4 SO4 M . -51.63 19.85 10.76
S SO4 N . -44.04 7.75 -3.16
O1 SO4 N . -42.78 7.59 -2.45
O2 SO4 N . -44.76 6.48 -3.17
O3 SO4 N . -44.85 8.77 -2.50
O4 SO4 N . -43.77 8.16 -4.54
S SO4 O . -49.95 5.39 -0.14
O1 SO4 O . -49.05 4.31 0.24
O2 SO4 O . -51.15 4.84 -0.78
O3 SO4 O . -50.36 6.13 1.06
O4 SO4 O . -49.27 6.28 -1.06
NA NA P . -11.12 -5.76 12.82
NA NA Q . -10.08 -14.87 11.30
S SO4 R . -39.27 -20.43 9.87
O1 SO4 R . -37.83 -20.39 9.60
O2 SO4 R . -39.66 -21.79 10.21
O3 SO4 R . -39.57 -19.56 11.01
O4 SO4 R . -40.00 -19.98 8.70
NA NA S . -22.80 -4.08 14.39
#